data_4Q9T
#
_entry.id   4Q9T
#
_cell.length_a   109.172
_cell.length_b   133.843
_cell.length_c   136.775
_cell.angle_alpha   90.000
_cell.angle_beta   90.000
_cell.angle_gamma   90.000
#
_symmetry.space_group_name_H-M   'C 2 2 21'
#
_entity_poly.entity_id   1
_entity_poly.type   'polypeptide(L)'
_entity_poly.pdbx_seq_one_letter_code
;(MSE)SLTSNNKYGNTKILTETEKYSVTKLSTDLSFLPGSNGNNNTIDTHHFEGLVDTALQKALVNDLDHIYIWNYNSIQ
KDTPICKISLHDDYSVLSSPPICLFTSSISSTNNDTANYNNNASGNINSGKFNNGICIINKKNSQFLYFEDISTINNLYT
KLSKSKAHVLDLKLKDNENITSTINCEPSGIIIATSLGRVLFITIKDSTGKPKLELKQQLIKPQNSFFFRNLDSSKEIIS
LKKGPIVGKGERLLYITTRGGSLQIWQLSINSKSFKRLEINIYEHVLDSLQDLYPFAHGTLAFLDSHPIYSDTSSAHLTL
ASISNGNEIYYL(MSE)ITVILDEKTNSFQIFSIYKLNTYFTKSTVDLNHKPQLFIPNALDSIVSPTLSVYVLFNNAVV
(MSE)TQISSKLDSSFPLRRKWEDIIRFNKDVEIIGSGYSTDSIYVICKD(MSE)GVLKIASHSNNNQEGHHHHHH
;
_entity_poly.pdbx_strand_id   A,B
#
# COMPACT_ATOMS: atom_id res chain seq x y z
N THR A 12 -33.25 5.10 23.78
CA THR A 12 -32.21 5.08 22.71
C THR A 12 -31.89 3.66 22.22
N LYS A 13 -31.74 3.50 20.90
CA LYS A 13 -31.44 2.20 20.30
C LYS A 13 -29.93 2.03 20.08
N ILE A 14 -29.41 0.85 20.41
CA ILE A 14 -28.10 0.46 19.90
C ILE A 14 -28.37 -0.16 18.56
N LEU A 15 -27.86 0.47 17.51
CA LEU A 15 -28.07 -0.03 16.16
C LEU A 15 -27.13 -1.20 15.88
N THR A 16 -25.86 -1.07 16.26
CA THR A 16 -24.91 -2.21 16.22
C THR A 16 -24.02 -2.18 17.47
N GLU A 17 -23.61 -3.34 17.93
CA GLU A 17 -22.72 -3.46 19.09
C GLU A 17 -21.77 -4.64 18.91
N THR A 18 -20.94 -4.56 17.88
CA THR A 18 -19.90 -5.55 17.61
C THR A 18 -18.93 -5.64 18.78
N GLU A 19 -18.06 -6.64 18.71
CA GLU A 19 -16.94 -6.80 19.64
C GLU A 19 -16.03 -5.56 19.59
N LYS A 20 -15.84 -4.99 18.40
CA LYS A 20 -14.86 -3.92 18.20
C LYS A 20 -15.43 -2.50 18.18
N TYR A 21 -16.67 -2.32 17.72
CA TYR A 21 -17.28 -0.99 17.72
C TYR A 21 -18.77 -1.05 18.03
N SER A 22 -19.38 0.12 18.19
CA SER A 22 -20.83 0.21 18.35
C SER A 22 -21.39 1.51 17.77
N VAL A 23 -22.66 1.46 17.42
CA VAL A 23 -23.35 2.63 16.90
C VAL A 23 -24.72 2.71 17.56
N THR A 24 -25.00 3.87 18.14
CA THR A 24 -26.22 4.08 18.90
C THR A 24 -26.91 5.36 18.47
N LYS A 25 -28.20 5.24 18.18
CA LYS A 25 -29.05 6.39 17.85
C LYS A 25 -29.51 7.00 19.14
N LEU A 26 -29.22 8.27 19.33
CA LEU A 26 -29.60 8.95 20.56
C LEU A 26 -31.09 9.23 20.58
N SER A 27 -31.61 9.51 21.78
CA SER A 27 -33.06 9.56 22.04
C SER A 27 -33.81 10.58 21.17
N THR A 28 -33.20 11.75 20.98
CA THR A 28 -33.85 12.86 20.31
C THR A 28 -34.10 12.57 18.83
N ASP A 29 -35.27 12.93 18.35
CA ASP A 29 -35.55 12.76 16.92
C ASP A 29 -35.61 14.12 16.23
N LEU A 30 -35.38 14.09 14.93
CA LEU A 30 -35.21 15.31 14.15
C LEU A 30 -36.47 15.68 13.37
N SER A 31 -37.62 15.63 14.04
CA SER A 31 -38.91 15.92 13.40
C SER A 31 -39.06 17.40 13.11
N PHE A 32 -38.61 18.23 14.07
CA PHE A 32 -38.67 19.69 13.95
C PHE A 32 -38.11 20.25 12.63
N LEU A 33 -37.07 19.60 12.11
CA LEU A 33 -36.51 19.97 10.80
C LEU A 33 -37.47 19.53 9.69
N PRO A 34 -37.77 20.42 8.71
CA PRO A 34 -38.62 20.05 7.57
C PRO A 34 -37.87 19.14 6.58
N PHE A 48 -30.76 22.21 2.23
CA PHE A 48 -29.39 22.19 2.79
C PHE A 48 -29.40 22.54 4.26
N GLU A 49 -28.36 22.10 4.99
CA GLU A 49 -28.36 22.13 6.47
C GLU A 49 -26.96 22.33 7.14
N GLY A 50 -26.92 23.01 8.29
CA GLY A 50 -25.69 23.17 9.12
C GLY A 50 -25.29 21.96 9.96
N LEU A 51 -24.11 22.03 10.61
CA LEU A 51 -23.29 20.82 10.84
C LEU A 51 -22.59 20.65 12.24
N VAL A 52 -23.20 21.05 13.36
CA VAL A 52 -22.39 21.10 14.60
C VAL A 52 -22.87 20.22 15.72
N ASP A 53 -21.94 19.48 16.35
CA ASP A 53 -22.08 19.03 17.76
C ASP A 53 -20.89 19.51 18.55
N THR A 54 -21.16 20.13 19.71
CA THR A 54 -20.12 20.48 20.69
C THR A 54 -20.19 19.56 21.93
N ALA A 55 -19.08 19.49 22.67
CA ALA A 55 -19.03 18.82 23.95
C ALA A 55 -19.39 19.80 25.07
N LEU A 56 -20.31 20.71 24.73
CA LEU A 56 -21.30 21.29 25.66
C LEU A 56 -22.61 20.52 25.54
N GLN A 57 -22.57 19.26 25.11
CA GLN A 57 -23.78 18.50 24.83
C GLN A 57 -24.89 19.30 24.13
N LYS A 58 -24.50 20.09 23.13
CA LYS A 58 -25.43 20.87 22.32
C LYS A 58 -25.25 20.50 20.87
N ALA A 59 -26.36 20.31 20.17
CA ALA A 59 -26.32 20.13 18.74
C ALA A 59 -26.89 21.38 18.10
N LEU A 60 -26.38 21.69 16.90
CA LEU A 60 -26.79 22.88 16.17
C LEU A 60 -26.90 22.57 14.69
N VAL A 61 -28.00 23.05 14.12
CA VAL A 61 -28.28 22.87 12.71
C VAL A 61 -28.90 24.15 12.16
N ASN A 62 -28.37 24.67 11.04
CA ASN A 62 -28.97 25.79 10.30
C ASN A 62 -29.64 25.41 8.99
N ASP A 63 -30.77 26.08 8.72
CA ASP A 63 -31.39 26.12 7.41
C ASP A 63 -30.72 27.31 6.71
N LEU A 64 -31.40 27.92 5.74
CA LEU A 64 -31.11 29.30 5.37
C LEU A 64 -31.86 30.24 6.32
N ASP A 65 -33.01 29.79 6.82
CA ASP A 65 -33.87 30.65 7.64
C ASP A 65 -33.58 30.61 9.14
N HIS A 66 -33.38 29.42 9.72
CA HIS A 66 -33.26 29.29 11.18
C HIS A 66 -32.10 28.44 11.67
N ILE A 67 -31.75 28.62 12.93
CA ILE A 67 -30.83 27.75 13.66
C ILE A 67 -31.64 26.96 14.68
N TYR A 68 -31.31 25.68 14.82
CA TYR A 68 -31.97 24.83 15.80
C TYR A 68 -30.90 24.33 16.72
N ILE A 69 -31.06 24.59 18.00
CA ILE A 69 -30.11 24.16 19.00
C ILE A 69 -30.86 23.32 20.02
N TRP A 70 -30.27 22.19 20.38
CA TRP A 70 -30.87 21.32 21.37
C TRP A 70 -29.80 20.48 22.05
N ASN A 71 -30.11 20.00 23.25
CA ASN A 71 -29.23 19.06 23.92
C ASN A 71 -29.48 17.67 23.34
N TYR A 72 -28.49 17.14 22.63
CA TYR A 72 -28.63 15.87 21.90
C TYR A 72 -28.77 14.65 22.82
N ASN A 73 -28.46 14.80 24.10
CA ASN A 73 -28.72 13.77 25.12
C ASN A 73 -30.06 13.93 25.85
N SER A 74 -31.01 14.68 25.30
CA SER A 74 -32.21 15.11 26.04
C SER A 74 -33.05 14.01 26.65
N ILE A 75 -33.10 12.87 25.95
CA ILE A 75 -33.99 11.74 26.31
C ILE A 75 -35.45 11.95 25.83
N GLN A 76 -35.67 11.89 24.51
CA GLN A 76 -36.99 11.60 23.91
C GLN A 76 -38.05 12.71 23.96
N LYS A 77 -37.61 13.98 23.98
CA LYS A 77 -38.53 15.13 24.02
C LYS A 77 -37.87 16.40 23.42
N ASP A 78 -38.65 17.13 22.63
CA ASP A 78 -38.14 18.31 21.95
C ASP A 78 -38.03 19.48 22.92
N THR A 79 -36.89 20.16 22.90
CA THR A 79 -36.78 21.52 23.37
C THR A 79 -35.77 22.30 22.48
N PRO A 80 -35.95 22.27 21.14
CA PRO A 80 -35.07 23.12 20.35
C PRO A 80 -35.24 24.63 20.57
N ILE A 81 -34.12 25.33 20.76
CA ILE A 81 -34.07 26.79 20.61
C ILE A 81 -34.08 27.03 19.10
N CYS A 82 -34.97 27.90 18.65
CA CYS A 82 -35.13 28.19 17.25
C CYS A 82 -34.76 29.63 17.07
N LYS A 83 -33.73 29.90 16.27
CA LYS A 83 -33.27 31.26 16.07
C LYS A 83 -33.32 31.68 14.61
N ILE A 84 -33.87 32.87 14.37
CA ILE A 84 -34.13 33.36 13.01
C ILE A 84 -32.99 34.25 12.49
N SER A 85 -32.70 34.14 11.20
CA SER A 85 -31.61 34.86 10.52
C SER A 85 -32.03 36.09 9.69
N LEU A 86 -33.19 35.99 9.03
CA LEU A 86 -33.49 36.88 7.92
C LEU A 86 -34.98 37.21 7.81
N HIS A 87 -35.34 37.91 6.75
CA HIS A 87 -36.63 38.59 6.65
C HIS A 87 -37.16 38.52 5.22
N SER A 94 -27.54 32.94 -1.82
CA SER A 94 -26.40 32.48 -1.02
C SER A 94 -26.70 31.13 -0.38
N SER A 95 -25.86 30.71 0.55
CA SER A 95 -26.00 29.40 1.18
C SER A 95 -26.13 29.60 2.69
N PRO A 96 -26.42 28.51 3.44
CA PRO A 96 -26.53 28.63 4.90
C PRO A 96 -25.21 29.02 5.58
N PRO A 97 -25.28 29.81 6.67
CA PRO A 97 -24.09 30.33 7.33
C PRO A 97 -23.43 29.30 8.21
N ILE A 98 -22.20 29.55 8.61
CA ILE A 98 -21.59 28.69 9.61
C ILE A 98 -21.68 29.38 10.98
N CYS A 99 -22.08 28.58 11.96
CA CYS A 99 -22.36 29.04 13.29
C CYS A 99 -21.42 28.35 14.23
N LEU A 100 -21.06 29.04 15.31
CA LEU A 100 -20.13 28.51 16.32
C LEU A 100 -20.56 28.96 17.69
N PHE A 101 -20.45 28.05 18.66
CA PHE A 101 -20.73 28.40 20.04
C PHE A 101 -19.48 29.04 20.62
N THR A 102 -19.71 29.93 21.57
CA THR A 102 -18.65 30.63 22.29
C THR A 102 -19.06 30.65 23.74
N SER A 103 -18.09 30.65 24.65
CA SER A 103 -18.38 30.61 26.09
C SER A 103 -19.19 31.83 26.53
N SER A 104 -19.69 31.79 27.76
CA SER A 104 -20.43 32.92 28.30
C SER A 104 -19.45 33.93 28.89
N ILE A 105 -19.99 35.09 29.24
CA ILE A 105 -19.22 36.18 29.84
C ILE A 105 -19.08 35.99 31.35
N ASN A 130 -25.12 31.33 26.93
CA ASN A 130 -24.03 31.05 25.97
C ASN A 130 -24.00 31.95 24.71
N GLY A 131 -22.86 31.96 24.02
CA GLY A 131 -22.66 32.82 22.85
C GLY A 131 -22.80 32.07 21.54
N ILE A 132 -22.97 32.81 20.44
CA ILE A 132 -23.04 32.23 19.09
C ILE A 132 -22.43 33.18 18.06
N CYS A 133 -21.64 32.63 17.14
CA CYS A 133 -21.11 33.40 16.01
C CYS A 133 -21.82 32.96 14.76
N ILE A 134 -22.25 33.92 13.94
CA ILE A 134 -22.91 33.63 12.67
C ILE A 134 -22.05 34.14 11.54
N ILE A 135 -21.35 33.22 10.87
CA ILE A 135 -20.44 33.59 9.81
C ILE A 135 -21.14 33.36 8.48
N ASN A 136 -21.09 34.37 7.61
CA ASN A 136 -21.74 34.33 6.32
C ASN A 136 -20.74 34.10 5.18
N LYS A 137 -20.85 32.94 4.55
CA LYS A 137 -19.78 32.39 3.70
C LYS A 137 -19.32 33.30 2.56
N LYS A 138 -20.25 33.75 1.75
CA LYS A 138 -19.93 34.65 0.64
C LYS A 138 -20.01 36.09 1.12
N ASN A 139 -21.09 36.37 1.86
CA ASN A 139 -21.48 37.72 2.23
C ASN A 139 -20.36 38.59 2.80
N SER A 140 -19.41 37.98 3.50
CA SER A 140 -18.25 38.67 4.06
C SER A 140 -18.62 39.36 5.36
N GLN A 141 -19.69 38.89 5.99
CA GLN A 141 -20.20 39.50 7.22
C GLN A 141 -20.10 38.53 8.39
N PHE A 142 -19.72 39.03 9.56
CA PHE A 142 -19.50 38.21 10.75
C PHE A 142 -20.37 38.72 11.88
N LEU A 143 -21.24 37.86 12.41
CA LEU A 143 -22.14 38.25 13.50
C LEU A 143 -21.87 37.49 14.80
N TYR A 144 -22.00 38.19 15.92
CA TYR A 144 -21.77 37.59 17.22
C TYR A 144 -22.84 38.02 18.22
N PHE A 145 -23.33 37.05 19.00
CA PHE A 145 -24.25 37.29 20.12
C PHE A 145 -23.60 36.77 21.40
N GLU A 146 -23.59 37.60 22.45
CA GLU A 146 -23.04 37.18 23.75
C GLU A 146 -23.91 36.12 24.41
N ASP A 147 -25.22 36.32 24.37
CA ASP A 147 -26.15 35.40 25.03
C ASP A 147 -27.22 34.88 24.09
N ILE A 148 -27.33 33.55 24.01
CA ILE A 148 -28.39 32.90 23.26
C ILE A 148 -29.68 33.42 23.87
N SER A 149 -29.78 33.23 25.20
CA SER A 149 -30.95 33.59 25.99
C SER A 149 -31.48 34.97 25.64
N THR A 150 -30.58 35.92 25.43
CA THR A 150 -30.98 37.30 25.14
C THR A 150 -31.25 37.51 23.64
N ILE A 151 -32.29 36.84 23.11
CA ILE A 151 -32.43 36.74 21.67
C ILE A 151 -33.41 37.74 21.04
N ASN A 152 -34.66 37.72 21.46
CA ASN A 152 -35.72 38.60 20.92
C ASN A 152 -36.22 38.29 19.51
N ASN A 153 -35.30 38.00 18.58
CA ASN A 153 -35.66 37.68 17.18
C ASN A 153 -36.32 38.82 16.39
N LEU A 154 -37.53 39.19 16.78
CA LEU A 154 -38.20 40.35 16.20
C LEU A 154 -37.20 41.47 15.94
N ALA A 163 -26.84 42.65 18.10
CA ALA A 163 -25.80 41.71 17.70
C ALA A 163 -24.51 42.41 17.26
N HIS A 164 -23.37 41.84 17.62
CA HIS A 164 -22.06 42.40 17.25
C HIS A 164 -21.82 42.08 15.78
N VAL A 165 -21.25 43.03 15.03
CA VAL A 165 -21.08 42.89 13.58
C VAL A 165 -19.65 43.22 13.12
N LEU A 166 -19.18 42.47 12.12
CA LEU A 166 -17.85 42.68 11.53
C LEU A 166 -17.87 42.42 10.02
N ASP A 167 -17.53 43.45 9.25
CA ASP A 167 -17.32 43.33 7.81
C ASP A 167 -15.90 42.81 7.61
N LEU A 168 -15.77 41.73 6.86
CA LEU A 168 -14.50 41.00 6.81
C LEU A 168 -13.56 41.41 5.67
N LYS A 169 -14.02 42.29 4.78
CA LYS A 169 -13.19 42.72 3.65
C LYS A 169 -12.74 41.57 2.74
N LEU A 170 -13.67 40.73 2.26
CA LEU A 170 -13.32 39.64 1.33
C LEU A 170 -13.47 40.06 -0.11
N LYS A 171 -12.66 39.47 -0.98
CA LYS A 171 -12.78 39.70 -2.43
C LYS A 171 -14.04 39.05 -2.96
N ASP A 172 -14.62 39.66 -3.99
CA ASP A 172 -15.74 39.06 -4.73
C ASP A 172 -15.52 37.55 -5.00
N ASN A 173 -14.28 37.19 -5.32
CA ASN A 173 -13.91 35.79 -5.43
C ASN A 173 -14.27 34.96 -4.19
N GLU A 174 -13.74 35.39 -3.06
CA GLU A 174 -13.49 34.48 -1.93
C GLU A 174 -14.65 34.25 -0.98
N ASN A 175 -14.66 33.04 -0.42
CA ASN A 175 -15.68 32.57 0.50
C ASN A 175 -15.03 31.88 1.68
N ILE A 176 -15.73 31.88 2.80
CA ILE A 176 -15.26 31.17 3.99
C ILE A 176 -15.45 29.67 3.79
N THR A 177 -14.39 28.91 4.01
CA THR A 177 -14.39 27.45 3.83
C THR A 177 -14.15 26.66 5.12
N SER A 178 -13.57 27.28 6.13
CA SER A 178 -13.35 26.62 7.42
C SER A 178 -13.41 27.64 8.53
N THR A 179 -13.76 27.18 9.73
CA THR A 179 -13.77 28.02 10.91
C THR A 179 -13.76 27.21 12.18
N ILE A 180 -12.88 27.61 13.09
CA ILE A 180 -12.78 26.95 14.38
C ILE A 180 -12.67 28.00 15.46
N ASN A 181 -12.69 27.53 16.69
CA ASN A 181 -12.77 28.37 17.85
C ASN A 181 -11.61 28.08 18.80
N CYS A 182 -10.74 29.07 18.99
CA CYS A 182 -9.64 28.97 19.95
C CYS A 182 -9.96 29.79 21.18
N GLU A 183 -10.66 29.16 22.11
CA GLU A 183 -11.55 29.87 23.02
C GLU A 183 -10.92 31.06 23.76
N PRO A 184 -9.69 30.93 24.29
CA PRO A 184 -9.12 32.10 24.97
C PRO A 184 -8.64 33.17 24.01
N SER A 185 -7.96 32.77 22.94
CA SER A 185 -7.43 33.72 21.97
C SER A 185 -8.56 34.30 21.10
N GLY A 186 -9.17 33.46 20.27
CA GLY A 186 -10.27 33.93 19.45
C GLY A 186 -10.80 32.89 18.50
N ILE A 187 -11.37 33.37 17.40
CA ILE A 187 -11.94 32.54 16.34
C ILE A 187 -11.12 32.68 15.06
N ILE A 188 -10.98 31.59 14.32
CA ILE A 188 -10.12 31.58 13.15
C ILE A 188 -10.93 31.25 11.93
N ILE A 189 -10.85 32.11 10.93
CA ILE A 189 -11.53 31.92 9.66
C ILE A 189 -10.52 31.51 8.62
N ALA A 190 -10.88 30.56 7.77
CA ALA A 190 -10.08 30.22 6.60
C ALA A 190 -10.97 30.38 5.37
N THR A 191 -10.39 30.89 4.29
CA THR A 191 -11.15 31.22 3.09
C THR A 191 -10.68 30.40 1.91
N SER A 192 -11.48 30.45 0.84
CA SER A 192 -11.20 29.73 -0.40
C SER A 192 -9.94 30.23 -1.10
N LEU A 193 -9.52 31.45 -0.77
CA LEU A 193 -8.25 31.99 -1.28
C LEU A 193 -7.08 31.73 -0.34
N GLY A 194 -7.23 30.78 0.59
CA GLY A 194 -6.12 30.39 1.45
C GLY A 194 -5.76 31.40 2.53
N ARG A 195 -6.58 32.43 2.66
CA ARG A 195 -6.38 33.44 3.69
C ARG A 195 -6.85 32.89 5.03
N VAL A 196 -6.14 33.22 6.11
CA VAL A 196 -6.53 32.82 7.45
C VAL A 196 -6.61 34.06 8.34
N LEU A 197 -7.82 34.35 8.84
CA LEU A 197 -8.04 35.51 9.70
C LEU A 197 -8.20 35.12 11.15
N PHE A 198 -7.63 35.96 12.02
CA PHE A 198 -7.75 35.81 13.45
C PHE A 198 -8.70 36.88 13.94
N ILE A 199 -9.85 36.44 14.43
CA ILE A 199 -10.87 37.36 14.91
C ILE A 199 -11.10 37.14 16.39
N THR A 200 -11.08 38.23 17.15
CA THR A 200 -11.21 38.19 18.60
C THR A 200 -12.62 38.52 19.05
N ILE A 201 -12.95 38.15 20.29
CA ILE A 201 -14.26 38.43 20.88
C ILE A 201 -14.22 39.45 22.01
N LYS A 202 -13.07 39.61 22.64
CA LYS A 202 -12.96 40.39 23.87
C LYS A 202 -11.73 41.29 23.91
N ASP A 203 -11.61 42.03 25.02
CA ASP A 203 -10.38 42.71 25.40
C ASP A 203 -9.43 41.68 26.09
N SER A 204 -8.25 42.12 26.53
CA SER A 204 -7.45 41.38 27.52
C SER A 204 -8.25 41.18 28.83
N THR A 205 -8.46 42.27 29.57
CA THR A 205 -9.56 42.32 30.56
C THR A 205 -10.92 42.30 29.80
N GLY A 206 -11.33 41.10 29.41
CA GLY A 206 -12.23 40.92 28.27
C GLY A 206 -13.65 41.46 28.32
N LYS A 207 -13.80 42.69 27.83
CA LYS A 207 -15.09 43.29 27.50
C LYS A 207 -15.60 42.74 26.17
N PRO A 208 -16.90 42.33 26.08
CA PRO A 208 -17.31 41.74 24.81
C PRO A 208 -17.30 42.75 23.66
N LYS A 209 -16.37 42.56 22.74
CA LYS A 209 -16.29 43.36 21.53
C LYS A 209 -15.39 42.64 20.53
N LEU A 210 -15.95 42.32 19.37
CA LEU A 210 -15.21 41.57 18.36
C LEU A 210 -14.31 42.50 17.54
N GLU A 211 -13.25 41.93 16.98
CA GLU A 211 -12.31 42.67 16.14
C GLU A 211 -11.46 41.72 15.30
N LEU A 212 -11.26 42.09 14.04
CA LEU A 212 -10.34 41.39 13.16
C LEU A 212 -8.93 41.75 13.61
N LYS A 213 -8.42 41.00 14.57
CA LYS A 213 -7.15 41.34 15.21
C LYS A 213 -5.94 41.18 14.29
N GLN A 214 -5.89 40.11 13.50
CA GLN A 214 -4.72 39.88 12.66
C GLN A 214 -5.04 38.94 11.52
N GLN A 215 -4.31 39.09 10.42
CA GLN A 215 -4.39 38.17 9.30
C GLN A 215 -3.17 37.29 9.35
N LEU A 216 -3.36 36.04 9.72
CA LEU A 216 -2.23 35.13 9.90
C LEU A 216 -1.66 34.70 8.57
N ILE A 217 -2.53 34.41 7.61
CA ILE A 217 -2.12 34.04 6.25
C ILE A 217 -2.80 34.93 5.23
N LYS A 218 -2.02 35.36 4.24
CA LYS A 218 -2.49 36.29 3.23
C LYS A 218 -3.30 35.53 2.19
N PRO A 219 -4.17 36.24 1.46
CA PRO A 219 -4.92 35.61 0.38
C PRO A 219 -4.00 35.20 -0.75
N GLN A 220 -4.04 33.92 -1.10
CA GLN A 220 -3.33 33.36 -2.23
C GLN A 220 -3.29 34.35 -3.39
N ASN A 221 -2.10 34.48 -3.99
CA ASN A 221 -1.81 35.42 -5.08
C ASN A 221 -2.89 35.46 -6.13
N SER A 222 -3.56 36.60 -6.28
CA SER A 222 -4.46 36.76 -7.40
C SER A 222 -3.72 35.97 -8.45
N PHE A 223 -4.31 34.86 -8.90
CA PHE A 223 -3.62 33.94 -9.76
C PHE A 223 -3.69 34.46 -11.19
N PHE A 224 -2.82 33.91 -12.02
CA PHE A 224 -2.76 34.32 -13.39
C PHE A 224 -3.66 33.39 -14.19
N PHE A 225 -3.98 32.23 -13.64
CA PHE A 225 -4.68 31.18 -14.37
C PHE A 225 -6.15 31.05 -13.98
N ARG A 226 -6.90 30.31 -14.79
CA ARG A 226 -8.29 29.94 -14.47
C ARG A 226 -8.35 28.94 -13.30
N ASN A 227 -7.40 28.01 -13.28
CA ASN A 227 -7.15 27.15 -12.13
C ASN A 227 -6.54 27.99 -11.00
N LEU A 228 -6.82 27.63 -9.75
CA LEU A 228 -6.09 28.19 -8.60
C LEU A 228 -4.73 27.46 -8.44
N ASP A 229 -4.04 27.74 -7.33
CA ASP A 229 -3.02 26.86 -6.83
C ASP A 229 -3.67 26.05 -5.72
N SER A 230 -3.85 24.76 -5.95
CA SER A 230 -4.42 23.90 -4.93
C SER A 230 -3.55 23.84 -3.68
N SER A 231 -2.23 23.92 -3.87
CA SER A 231 -1.26 23.77 -2.80
C SER A 231 -1.51 24.58 -1.53
N LYS A 232 -2.07 25.79 -1.69
CA LYS A 232 -2.24 26.75 -0.58
C LYS A 232 -3.63 26.70 0.06
N GLU A 233 -4.42 25.71 -0.33
CA GLU A 233 -5.75 25.50 0.19
C GLU A 233 -5.70 24.97 1.64
N ILE A 234 -6.39 25.66 2.55
CA ILE A 234 -6.40 25.28 3.95
C ILE A 234 -7.32 24.07 4.13
N ILE A 235 -6.76 22.95 4.52
CA ILE A 235 -7.52 21.73 4.74
C ILE A 235 -7.64 21.35 6.20
N SER A 236 -7.08 22.16 7.10
CA SER A 236 -7.19 21.85 8.52
C SER A 236 -6.81 23.04 9.39
N LEU A 237 -7.75 23.41 10.25
CA LEU A 237 -7.50 24.29 11.38
C LEU A 237 -7.78 23.49 12.63
N LYS A 238 -6.79 23.37 13.52
CA LYS A 238 -7.00 22.68 14.78
C LYS A 238 -6.43 23.52 15.90
N LYS A 239 -7.07 23.46 17.07
CA LYS A 239 -6.56 24.18 18.22
C LYS A 239 -5.58 23.30 18.99
N GLY A 240 -4.58 23.94 19.56
CA GLY A 240 -3.58 23.29 20.39
C GLY A 240 -3.80 23.67 21.84
N PRO A 241 -2.84 23.35 22.70
CA PRO A 241 -2.99 23.61 24.12
C PRO A 241 -2.99 25.10 24.45
N ILE A 242 -3.31 25.43 25.70
CA ILE A 242 -3.22 26.81 26.16
C ILE A 242 -1.76 27.08 26.55
N VAL A 243 -1.35 28.35 26.47
CA VAL A 243 0.03 28.75 26.79
C VAL A 243 0.08 30.13 27.47
N GLY A 244 -0.87 30.39 28.36
CA GLY A 244 -0.89 31.61 29.15
C GLY A 244 -2.15 32.45 28.95
N LYS A 245 -2.14 33.65 29.53
CA LYS A 245 -3.28 34.55 29.44
C LYS A 245 -3.62 34.87 27.99
N GLY A 246 -4.76 34.38 27.54
CA GLY A 246 -5.31 34.70 26.23
C GLY A 246 -4.54 34.10 25.07
N GLU A 247 -3.65 33.16 25.36
CA GLU A 247 -2.72 32.65 24.37
C GLU A 247 -2.85 31.15 24.19
N ARG A 248 -3.04 30.75 22.93
CA ARG A 248 -3.24 29.35 22.56
C ARG A 248 -2.57 29.03 21.24
N LEU A 249 -2.19 27.76 21.06
CA LEU A 249 -1.60 27.28 19.82
C LEU A 249 -2.64 26.92 18.78
N LEU A 250 -2.28 27.14 17.53
CA LEU A 250 -3.11 26.80 16.37
C LEU A 250 -2.28 25.97 15.39
N TYR A 251 -2.89 24.92 14.85
CA TYR A 251 -2.24 24.12 13.83
C TYR A 251 -2.96 24.30 12.51
N ILE A 252 -2.27 24.89 11.53
CA ILE A 252 -2.80 25.00 10.18
C ILE A 252 -2.10 24.00 9.28
N THR A 253 -2.87 23.31 8.45
CA THR A 253 -2.31 22.42 7.43
C THR A 253 -2.91 22.77 6.08
N THR A 254 -2.14 22.61 5.02
CA THR A 254 -2.61 22.91 3.68
C THR A 254 -2.54 21.69 2.80
N ARG A 255 -3.27 21.76 1.69
CA ARG A 255 -3.42 20.64 0.75
C ARG A 255 -2.08 20.20 0.16
N GLY A 256 -1.16 21.15 0.04
CA GLY A 256 0.20 20.88 -0.46
C GLY A 256 1.18 20.41 0.60
N GLY A 257 0.65 20.08 1.78
CA GLY A 257 1.44 19.44 2.84
C GLY A 257 2.33 20.38 3.63
N SER A 258 1.94 21.65 3.73
CA SER A 258 2.62 22.56 4.63
C SER A 258 1.88 22.54 5.95
N LEU A 259 2.64 22.42 7.03
CA LEU A 259 2.08 22.38 8.38
C LEU A 259 2.67 23.51 9.22
N GLN A 260 1.79 24.38 9.71
CA GLN A 260 2.19 25.54 10.50
C GLN A 260 1.66 25.44 11.91
N ILE A 261 2.52 25.71 12.87
CA ILE A 261 2.08 25.96 14.24
C ILE A 261 2.10 27.46 14.45
N TRP A 262 0.94 28.02 14.79
CA TRP A 262 0.83 29.44 15.11
C TRP A 262 0.55 29.61 16.58
N GLN A 263 1.05 30.70 17.15
CA GLN A 263 0.72 31.06 18.52
C GLN A 263 -0.14 32.30 18.51
N LEU A 264 -1.36 32.15 19.02
CA LEU A 264 -2.33 33.22 19.06
C LEU A 264 -2.29 33.93 20.39
N SER A 265 -2.78 35.16 20.40
CA SER A 265 -2.79 36.02 21.59
C SER A 265 -3.85 37.08 21.44
N ILE A 266 -4.49 37.45 22.55
CA ILE A 266 -5.48 38.53 22.51
C ILE A 266 -4.75 39.85 22.51
N ASN A 267 -3.84 39.98 23.47
CA ASN A 267 -3.24 41.27 23.77
C ASN A 267 -1.96 41.53 22.97
N SER A 268 -1.16 40.47 22.76
CA SER A 268 0.08 40.58 21.99
C SER A 268 -0.23 40.46 20.50
N LYS A 269 0.82 40.21 19.71
CA LYS A 269 0.67 39.79 18.32
C LYS A 269 0.81 38.29 18.24
N SER A 270 0.08 37.69 17.31
CA SER A 270 0.17 36.26 17.03
C SER A 270 1.31 36.05 16.05
N PHE A 271 2.01 34.95 16.21
CA PHE A 271 3.16 34.66 15.34
C PHE A 271 3.29 33.16 15.07
N LYS A 272 4.01 32.84 14.00
CA LYS A 272 4.21 31.48 13.57
C LYS A 272 5.42 30.90 14.30
N ARG A 273 5.22 29.83 15.06
CA ARG A 273 6.31 29.17 15.79
C ARG A 273 7.06 28.17 14.93
N LEU A 274 6.42 27.65 13.88
CA LEU A 274 7.02 26.63 13.02
C LEU A 274 6.23 26.47 11.72
N GLU A 275 6.96 26.29 10.63
CA GLU A 275 6.36 25.83 9.40
C GLU A 275 7.29 24.80 8.76
N ILE A 276 6.72 23.67 8.38
CA ILE A 276 7.45 22.63 7.67
C ILE A 276 6.64 22.25 6.45
N ASN A 277 7.23 21.47 5.57
CA ASN A 277 6.47 20.87 4.48
C ASN A 277 6.84 19.41 4.27
N ILE A 278 5.82 18.57 4.32
CA ILE A 278 6.01 17.13 4.36
C ILE A 278 5.81 16.46 3.02
N TYR A 279 5.42 17.23 2.01
CA TYR A 279 4.99 16.68 0.72
C TYR A 279 6.05 15.83 0.01
N GLU A 280 7.21 16.42 -0.22
CA GLU A 280 8.29 15.72 -0.92
C GLU A 280 8.67 14.47 -0.16
N HIS A 281 8.81 14.58 1.15
CA HIS A 281 9.31 13.46 1.93
C HIS A 281 8.26 12.38 2.02
N VAL A 282 6.98 12.78 2.13
CA VAL A 282 5.89 11.81 2.10
C VAL A 282 5.83 11.12 0.74
N LEU A 283 5.73 11.91 -0.33
CA LEU A 283 5.70 11.35 -1.66
C LEU A 283 6.81 10.35 -1.85
N ASP A 284 8.00 10.67 -1.35
CA ASP A 284 9.12 9.74 -1.48
C ASP A 284 8.88 8.41 -0.76
N SER A 285 8.26 8.50 0.42
CA SER A 285 7.93 7.32 1.21
C SER A 285 6.86 6.42 0.58
N LEU A 286 6.06 6.97 -0.32
CA LEU A 286 4.98 6.20 -0.96
C LEU A 286 5.33 5.68 -2.33
N GLN A 287 6.22 6.36 -3.03
CA GLN A 287 6.31 6.20 -4.45
C GLN A 287 6.73 4.80 -4.93
N ASP A 288 7.69 4.17 -4.28
CA ASP A 288 8.04 2.80 -4.67
C ASP A 288 6.84 1.87 -4.57
N LEU A 289 6.03 2.04 -3.53
CA LEU A 289 4.80 1.28 -3.38
C LEU A 289 3.77 1.68 -4.41
N TYR A 290 3.59 2.98 -4.56
CA TYR A 290 2.51 3.54 -5.35
C TYR A 290 3.01 4.59 -6.31
N PRO A 291 3.64 4.15 -7.41
CA PRO A 291 4.22 5.08 -8.36
C PRO A 291 3.28 6.23 -8.72
N PHE A 292 2.00 5.93 -8.88
CA PHE A 292 1.01 6.95 -9.25
C PHE A 292 0.76 8.04 -8.19
N ALA A 293 1.38 7.90 -7.01
CA ALA A 293 1.31 8.93 -5.96
C ALA A 293 1.95 10.20 -6.44
N HIS A 294 2.86 10.06 -7.38
CA HIS A 294 3.53 11.18 -8.00
C HIS A 294 2.56 11.94 -8.89
N GLY A 295 2.28 13.18 -8.55
CA GLY A 295 1.37 13.98 -9.32
C GLY A 295 -0.05 13.96 -8.78
N THR A 296 -0.35 13.07 -7.85
CA THR A 296 -1.70 13.02 -7.27
C THR A 296 -1.78 13.19 -5.77
N LEU A 297 -0.66 13.03 -5.07
CA LEU A 297 -0.64 13.15 -3.61
C LEU A 297 -1.23 14.46 -3.21
N ALA A 298 -2.21 14.39 -2.31
CA ALA A 298 -2.92 15.56 -1.85
C ALA A 298 -3.38 15.31 -0.43
N PHE A 299 -3.11 16.27 0.43
CA PHE A 299 -3.52 16.18 1.83
C PHE A 299 -4.94 16.69 2.01
N LEU A 300 -5.71 16.02 2.86
CA LEU A 300 -7.13 16.31 3.02
C LEU A 300 -7.53 16.73 4.44
N ASP A 301 -6.79 16.28 5.44
CA ASP A 301 -7.01 16.74 6.78
C ASP A 301 -5.79 16.40 7.63
N SER A 302 -5.71 17.04 8.79
CA SER A 302 -4.66 16.79 9.74
C SER A 302 -5.24 16.96 11.12
N HIS A 303 -4.67 16.25 12.09
CA HIS A 303 -5.15 16.24 13.45
C HIS A 303 -4.01 15.94 14.38
N PRO A 304 -3.83 16.77 15.41
CA PRO A 304 -2.79 16.45 16.38
C PRO A 304 -3.16 15.20 17.18
N ILE A 305 -2.15 14.40 17.53
CA ILE A 305 -2.38 13.17 18.30
C ILE A 305 -2.45 13.41 19.81
N TYR A 306 -1.71 14.40 20.31
CA TYR A 306 -1.75 14.69 21.74
C TYR A 306 -2.41 16.03 22.06
N SER A 307 -3.16 16.06 23.16
CA SER A 307 -3.94 17.25 23.54
C SER A 307 -3.07 18.39 24.09
N ASP A 308 -1.89 18.05 24.60
CA ASP A 308 -1.05 18.98 25.35
C ASP A 308 0.29 19.35 24.71
N THR A 309 0.68 18.65 23.65
CA THR A 309 1.92 18.98 22.94
C THR A 309 1.65 19.12 21.43
N SER A 310 2.54 19.85 20.76
CA SER A 310 2.43 20.11 19.33
C SER A 310 3.38 19.24 18.51
N SER A 311 4.07 18.30 19.14
CA SER A 311 5.13 17.58 18.46
C SER A 311 4.57 16.69 17.39
N ALA A 312 3.45 16.04 17.66
CA ALA A 312 3.00 14.95 16.82
C ALA A 312 1.66 15.23 16.17
N HIS A 313 1.52 14.80 14.91
CA HIS A 313 0.30 14.99 14.13
C HIS A 313 0.00 13.83 13.21
N LEU A 314 -1.28 13.50 13.05
CA LEU A 314 -1.69 12.51 12.08
C LEU A 314 -2.33 13.23 10.90
N THR A 315 -1.90 12.91 9.69
CA THR A 315 -2.49 13.51 8.49
C THR A 315 -3.24 12.49 7.66
N LEU A 316 -4.17 13.00 6.85
CA LEU A 316 -4.95 12.19 5.93
C LEU A 316 -4.67 12.68 4.52
N ALA A 317 -4.31 11.76 3.64
CA ALA A 317 -3.95 12.11 2.27
C ALA A 317 -4.64 11.19 1.29
N SER A 318 -4.66 11.60 0.03
CA SER A 318 -5.22 10.78 -1.03
C SER A 318 -4.24 10.70 -2.17
N ILE A 319 -4.33 9.61 -2.91
CA ILE A 319 -3.58 9.45 -4.15
C ILE A 319 -4.45 8.71 -5.12
N SER A 320 -4.19 8.92 -6.40
CA SER A 320 -5.09 8.49 -7.45
C SER A 320 -4.30 7.85 -8.56
N ASN A 321 -4.69 6.65 -8.95
CA ASN A 321 -4.30 6.13 -10.26
C ASN A 321 -5.28 6.78 -11.23
N GLY A 322 -5.54 6.17 -12.38
CA GLY A 322 -6.59 6.73 -13.23
C GLY A 322 -7.92 6.85 -12.50
N ASN A 323 -8.45 5.71 -12.09
CA ASN A 323 -9.85 5.56 -11.74
C ASN A 323 -10.15 5.73 -10.27
N GLU A 324 -9.42 4.99 -9.44
CA GLU A 324 -9.67 4.98 -8.00
C GLU A 324 -8.88 6.07 -7.30
N ILE A 325 -9.41 6.48 -6.14
CA ILE A 325 -8.70 7.37 -5.23
C ILE A 325 -8.56 6.65 -3.92
N TYR A 326 -7.32 6.41 -3.51
CA TYR A 326 -7.04 5.73 -2.26
C TYR A 326 -6.65 6.73 -1.20
N TYR A 327 -6.80 6.34 0.06
CA TYR A 327 -6.55 7.24 1.19
C TYR A 327 -5.50 6.69 2.14
N LEU A 328 -4.60 7.56 2.58
CA LEU A 328 -3.53 7.16 3.47
C LEU A 328 -3.47 8.09 4.65
N MSE A 329 -2.85 7.64 5.73
CA MSE A 329 -2.62 8.48 6.87
C MSE A 329 -1.20 8.39 7.24
O MSE A 329 -0.66 7.28 7.36
CB MSE A 329 -3.44 8.01 8.04
CG MSE A 329 -4.89 7.89 7.61
SE MSE A 329 -5.97 7.87 9.24
CE MSE A 329 -5.30 6.19 10.01
N ILE A 330 -0.57 9.53 7.43
CA ILE A 330 0.83 9.59 7.83
C ILE A 330 0.94 10.22 9.21
N THR A 331 1.68 9.56 10.10
CA THR A 331 1.98 10.11 11.38
C THR A 331 3.27 10.91 11.25
N VAL A 332 3.21 12.18 11.64
CA VAL A 332 4.33 13.12 11.55
C VAL A 332 4.76 13.54 12.93
N ILE A 333 6.06 13.70 13.13
CA ILE A 333 6.61 14.16 14.40
C ILE A 333 7.50 15.38 14.19
N LEU A 334 7.07 16.53 14.70
CA LEU A 334 7.76 17.80 14.53
C LEU A 334 8.78 17.98 15.62
N ASP A 335 9.92 18.55 15.27
CA ASP A 335 10.89 19.04 16.24
C ASP A 335 10.99 20.54 16.05
N GLU A 336 10.50 21.27 17.04
CA GLU A 336 10.44 22.73 16.97
C GLU A 336 11.85 23.32 17.05
N LYS A 337 12.71 22.71 17.86
CA LYS A 337 14.08 23.19 18.03
C LYS A 337 14.87 23.16 16.72
N THR A 338 14.82 22.04 16.01
CA THR A 338 15.56 21.84 14.76
C THR A 338 14.74 22.25 13.53
N ASN A 339 13.52 22.76 13.72
CA ASN A 339 12.68 23.14 12.59
C ASN A 339 12.57 22.01 11.57
N SER A 340 12.48 20.79 12.07
CA SER A 340 12.51 19.60 11.24
C SER A 340 11.30 18.74 11.54
N PHE A 341 11.20 17.63 10.82
CA PHE A 341 10.13 16.68 11.06
C PHE A 341 10.58 15.31 10.57
N GLN A 342 9.87 14.28 11.01
CA GLN A 342 10.23 12.90 10.74
C GLN A 342 8.93 12.10 10.64
N ILE A 343 8.83 11.23 9.65
CA ILE A 343 7.59 10.48 9.43
C ILE A 343 7.62 9.18 10.21
N PHE A 344 6.78 9.09 11.23
CA PHE A 344 6.78 7.94 12.12
C PHE A 344 6.17 6.71 11.48
N SER A 345 5.06 6.89 10.79
CA SER A 345 4.45 5.77 10.08
C SER A 345 3.42 6.19 9.05
N ILE A 346 3.03 5.21 8.24
CA ILE A 346 2.05 5.39 7.19
C ILE A 346 1.09 4.23 7.27
N TYR A 347 -0.19 4.56 7.21
CA TYR A 347 -1.26 3.58 7.23
C TYR A 347 -2.16 3.81 6.03
N LYS A 348 -2.65 2.72 5.43
CA LYS A 348 -3.55 2.82 4.31
C LYS A 348 -4.94 2.45 4.73
N LEU A 349 -5.92 3.22 4.31
CA LEU A 349 -7.30 2.85 4.54
C LEU A 349 -7.68 1.83 3.48
N ASN A 350 -7.61 0.56 3.85
CA ASN A 350 -7.88 -0.53 2.92
C ASN A 350 -9.36 -0.86 2.76
N THR A 351 -10.19 -0.38 3.68
CA THR A 351 -11.62 -0.61 3.61
C THR A 351 -12.38 0.44 2.78
N TYR A 352 -11.67 1.34 2.10
CA TYR A 352 -12.31 2.44 1.37
C TYR A 352 -11.49 3.02 0.22
N PHE A 353 -12.16 3.19 -0.92
CA PHE A 353 -11.67 4.04 -1.98
C PHE A 353 -12.86 4.72 -2.68
N THR A 354 -12.55 5.55 -3.67
CA THR A 354 -13.52 6.43 -4.32
C THR A 354 -13.33 6.30 -5.82
N LYS A 355 -14.30 6.78 -6.61
CA LYS A 355 -14.12 6.90 -8.06
C LYS A 355 -13.76 8.33 -8.48
N SER A 356 -12.81 8.43 -9.40
CA SER A 356 -12.20 9.70 -9.76
C SER A 356 -13.24 10.66 -10.36
N THR A 357 -14.07 10.13 -11.27
CA THR A 357 -15.19 10.88 -11.87
C THR A 357 -16.14 11.50 -10.84
N VAL A 358 -16.40 10.74 -9.76
CA VAL A 358 -17.26 11.21 -8.68
C VAL A 358 -16.70 12.53 -8.11
N ASP A 359 -17.58 13.53 -8.03
CA ASP A 359 -17.44 14.73 -7.18
C ASP A 359 -16.89 14.41 -5.79
N LEU A 360 -15.66 14.86 -5.57
CA LEU A 360 -14.93 14.63 -4.33
C LEU A 360 -15.24 15.74 -3.31
N ASN A 361 -15.93 16.79 -3.77
CA ASN A 361 -16.24 17.91 -2.88
C ASN A 361 -17.30 17.57 -1.81
N HIS A 362 -16.92 16.63 -0.94
CA HIS A 362 -17.27 16.62 0.47
C HIS A 362 -15.97 16.16 1.10
N LYS A 363 -15.08 17.11 1.40
CA LYS A 363 -13.75 16.79 1.92
C LYS A 363 -13.89 16.03 3.24
N PRO A 364 -13.21 14.88 3.38
CA PRO A 364 -13.40 14.08 4.58
C PRO A 364 -12.83 14.72 5.84
N GLN A 365 -13.21 14.16 6.99
CA GLN A 365 -12.85 14.71 8.28
C GLN A 365 -12.20 13.66 9.13
N LEU A 366 -11.12 14.06 9.78
CA LEU A 366 -10.34 13.19 10.62
C LEU A 366 -10.66 13.54 12.07
N PHE A 367 -10.95 12.51 12.87
CA PHE A 367 -11.20 12.70 14.32
C PHE A 367 -10.32 11.79 15.16
N ILE A 368 -9.67 12.36 16.17
CA ILE A 368 -8.99 11.56 17.18
C ILE A 368 -9.53 12.00 18.53
N PRO A 369 -10.56 11.30 19.07
CA PRO A 369 -11.18 11.65 20.35
C PRO A 369 -10.20 11.80 21.49
N ASN A 370 -9.28 10.84 21.61
CA ASN A 370 -8.32 10.88 22.69
C ASN A 370 -7.51 12.16 22.72
N ALA A 371 -7.28 12.77 21.56
CA ALA A 371 -6.51 14.00 21.47
C ALA A 371 -7.23 15.25 22.04
N LEU A 372 -8.45 15.07 22.54
CA LEU A 372 -9.11 16.08 23.36
C LEU A 372 -8.89 15.82 24.84
N ASP A 373 -8.38 14.62 25.16
CA ASP A 373 -8.25 14.16 26.54
C ASP A 373 -6.92 14.55 27.16
N SER A 374 -6.95 14.87 28.45
CA SER A 374 -5.75 15.14 29.21
C SER A 374 -4.95 13.85 29.43
N ILE A 375 -5.64 12.73 29.59
CA ILE A 375 -5.01 11.42 29.81
C ILE A 375 -4.90 10.64 28.50
N VAL A 376 -3.70 10.20 28.15
CA VAL A 376 -3.46 9.54 26.87
C VAL A 376 -3.79 8.05 26.94
N SER A 377 -4.50 7.55 25.94
CA SER A 377 -4.86 6.13 25.88
C SER A 377 -3.75 5.35 25.19
N PRO A 378 -3.45 4.14 25.70
CA PRO A 378 -2.49 3.25 25.04
C PRO A 378 -2.70 3.14 23.52
N THR A 379 -3.94 2.91 23.09
CA THR A 379 -4.25 2.89 21.66
C THR A 379 -5.22 3.99 21.29
N LEU A 380 -4.97 4.58 20.13
CA LEU A 380 -5.76 5.67 19.61
C LEU A 380 -6.79 5.13 18.67
N SER A 381 -8.06 5.36 18.96
CA SER A 381 -9.12 5.11 18.01
C SER A 381 -9.22 6.31 17.09
N VAL A 382 -9.14 6.03 15.80
CA VAL A 382 -9.13 7.05 14.76
C VAL A 382 -10.37 6.87 13.92
N TYR A 383 -10.95 7.99 13.50
CA TYR A 383 -12.17 7.97 12.75
C TYR A 383 -12.00 8.90 11.58
N VAL A 384 -12.27 8.39 10.39
CA VAL A 384 -12.33 9.21 9.21
C VAL A 384 -13.77 9.16 8.71
N LEU A 385 -14.34 10.32 8.47
CA LEU A 385 -15.71 10.44 8.03
C LEU A 385 -15.76 10.95 6.62
N PHE A 386 -16.19 10.09 5.72
CA PHE A 386 -16.52 10.50 4.36
C PHE A 386 -18.02 10.70 4.34
N ASN A 387 -18.58 11.05 3.20
CA ASN A 387 -20.05 11.17 3.12
C ASN A 387 -20.72 9.80 3.00
N ASN A 388 -20.05 8.86 2.35
CA ASN A 388 -20.50 7.48 2.33
C ASN A 388 -20.48 6.79 3.68
N ALA A 389 -19.44 7.05 4.45
CA ALA A 389 -19.08 6.14 5.52
C ALA A 389 -18.21 6.74 6.61
N VAL A 390 -18.06 5.97 7.68
CA VAL A 390 -17.08 6.25 8.71
C VAL A 390 -16.14 5.06 8.71
N VAL A 391 -14.86 5.34 8.51
CA VAL A 391 -13.84 4.31 8.62
C VAL A 391 -13.18 4.46 9.98
N MSE A 392 -12.96 3.33 10.63
CA MSE A 392 -12.41 3.30 11.98
C MSE A 392 -11.18 2.48 11.98
O MSE A 392 -11.14 1.43 11.36
CB MSE A 392 -13.39 2.62 12.92
CG MSE A 392 -14.66 3.44 13.04
SE MSE A 392 -16.04 2.40 13.97
CE MSE A 392 -16.26 1.02 12.57
N THR A 393 -10.15 2.96 12.66
CA THR A 393 -8.95 2.17 12.85
C THR A 393 -8.28 2.59 14.14
N GLN A 394 -7.41 1.72 14.64
CA GLN A 394 -6.73 1.99 15.90
C GLN A 394 -5.24 1.83 15.75
N ILE A 395 -4.51 2.80 16.29
CA ILE A 395 -3.06 2.79 16.26
C ILE A 395 -2.57 3.07 17.66
N SER A 396 -1.38 2.59 17.99
CA SER A 396 -0.82 2.85 19.30
C SER A 396 -0.51 4.33 19.44
N SER A 397 -0.54 4.80 20.68
CA SER A 397 -0.19 6.18 20.97
C SER A 397 1.29 6.30 21.30
N LYS A 398 2.04 5.20 21.20
CA LYS A 398 3.39 5.20 21.71
C LYS A 398 4.33 6.16 20.95
N LEU A 399 4.54 5.91 19.65
CA LEU A 399 5.45 6.72 18.83
C LEU A 399 6.92 6.66 19.28
N ASP A 400 7.36 5.47 19.69
CA ASP A 400 8.73 5.28 20.18
C ASP A 400 9.56 4.28 19.35
N SER A 401 8.99 3.76 18.27
CA SER A 401 9.75 3.08 17.19
C SER A 401 10.97 2.20 17.58
N SER A 402 10.79 1.35 18.59
CA SER A 402 11.73 0.29 18.90
C SER A 402 11.10 -1.05 18.45
N PHE A 403 10.06 -1.44 19.19
CA PHE A 403 9.34 -2.70 19.02
C PHE A 403 7.89 -2.31 18.68
N PRO A 404 7.69 -1.29 17.80
CA PRO A 404 6.41 -0.58 17.79
C PRO A 404 5.27 -1.54 17.52
N LEU A 405 4.15 -1.35 18.21
CA LEU A 405 3.03 -2.27 18.12
C LEU A 405 2.18 -1.83 16.95
N ARG A 406 2.18 -2.64 15.90
CA ARG A 406 1.62 -2.23 14.62
C ARG A 406 0.10 -2.33 14.61
N ARG A 407 -0.53 -1.75 13.57
CA ARG A 407 -1.96 -1.87 13.41
C ARG A 407 -2.39 -3.31 13.37
N LYS A 408 -3.53 -3.56 13.99
CA LYS A 408 -4.16 -4.84 13.98
C LYS A 408 -5.57 -4.78 13.37
N TRP A 409 -6.23 -3.62 13.42
CA TRP A 409 -7.68 -3.52 13.11
C TRP A 409 -8.09 -2.35 12.21
N GLU A 410 -9.16 -2.58 11.47
CA GLU A 410 -9.81 -1.54 10.72
C GLU A 410 -11.14 -2.09 10.26
N ASP A 411 -12.16 -1.24 10.31
CA ASP A 411 -13.48 -1.62 9.83
C ASP A 411 -14.21 -0.37 9.36
N ILE A 412 -15.31 -0.57 8.64
CA ILE A 412 -16.02 0.54 8.03
C ILE A 412 -17.50 0.43 8.35
N ILE A 413 -18.16 1.57 8.40
CA ILE A 413 -19.61 1.64 8.54
C ILE A 413 -20.14 2.41 7.37
N ARG A 414 -20.62 1.69 6.36
CA ARG A 414 -21.21 2.32 5.17
C ARG A 414 -22.62 2.79 5.45
N PHE A 415 -22.97 3.95 4.88
CA PHE A 415 -24.30 4.48 5.01
C PHE A 415 -25.15 4.18 3.77
N ASN A 416 -26.39 3.80 4.04
CA ASN A 416 -27.44 3.77 3.03
C ASN A 416 -27.36 5.05 2.22
N LYS A 417 -27.69 4.98 0.93
CA LYS A 417 -27.53 6.11 0.02
C LYS A 417 -28.43 7.32 0.37
N ASP A 418 -29.63 7.05 0.86
CA ASP A 418 -30.54 8.13 1.30
C ASP A 418 -30.13 8.77 2.66
N VAL A 419 -28.96 8.44 3.17
CA VAL A 419 -28.45 9.09 4.38
C VAL A 419 -27.71 10.36 4.00
N GLU A 420 -28.19 11.49 4.51
CA GLU A 420 -27.54 12.78 4.32
C GLU A 420 -27.05 13.22 5.70
N ILE A 421 -25.72 13.29 5.85
CA ILE A 421 -25.15 13.71 7.09
C ILE A 421 -25.03 15.21 7.10
N ILE A 422 -25.68 15.83 8.07
CA ILE A 422 -25.73 17.28 8.11
C ILE A 422 -24.81 17.84 9.19
N GLY A 423 -24.21 16.99 9.99
CA GLY A 423 -23.36 17.48 11.07
C GLY A 423 -22.47 16.44 11.71
N SER A 424 -21.51 16.93 12.48
CA SER A 424 -20.65 16.05 13.24
C SER A 424 -19.99 16.80 14.38
N GLY A 425 -19.38 16.01 15.25
CA GLY A 425 -18.62 16.50 16.38
C GLY A 425 -18.02 15.28 17.05
N TYR A 426 -17.25 15.50 18.11
CA TYR A 426 -16.68 14.38 18.84
C TYR A 426 -16.25 14.79 20.22
N SER A 427 -16.52 13.92 21.19
CA SER A 427 -16.05 14.08 22.55
C SER A 427 -14.72 13.33 22.66
N THR A 428 -14.31 12.98 23.88
CA THR A 428 -13.09 12.21 24.09
C THR A 428 -13.30 10.71 23.90
N ASP A 429 -14.55 10.24 23.90
CA ASP A 429 -14.83 8.82 23.78
C ASP A 429 -15.35 8.43 22.40
N SER A 430 -16.12 9.31 21.78
CA SER A 430 -16.93 8.93 20.64
C SER A 430 -16.91 10.00 19.55
N ILE A 431 -17.46 9.65 18.38
CA ILE A 431 -17.86 10.67 17.39
C ILE A 431 -19.36 10.64 17.20
N TYR A 432 -19.87 11.76 16.69
CA TYR A 432 -21.29 11.97 16.54
C TYR A 432 -21.57 12.41 15.10
N VAL A 433 -22.74 12.04 14.59
CA VAL A 433 -23.13 12.39 13.22
C VAL A 433 -24.64 12.65 13.17
N ILE A 434 -25.02 13.80 12.63
CA ILE A 434 -26.43 14.15 12.53
C ILE A 434 -26.95 13.71 11.16
N CYS A 435 -28.03 12.95 11.14
CA CYS A 435 -28.60 12.47 9.89
C CYS A 435 -30.00 13.02 9.73
N LYS A 436 -30.27 13.60 8.56
CA LYS A 436 -31.42 14.49 8.39
C LYS A 436 -32.76 13.91 8.87
N ASP A 437 -33.14 12.75 8.36
CA ASP A 437 -34.41 12.12 8.72
C ASP A 437 -34.30 11.00 9.76
N MSE A 438 -33.11 10.81 10.32
CA MSE A 438 -32.85 9.63 11.14
C MSE A 438 -32.58 10.06 12.56
O MSE A 438 -33.34 9.71 13.47
CB MSE A 438 -31.69 8.85 10.52
CG MSE A 438 -31.98 8.13 9.19
SE MSE A 438 -33.49 6.88 9.24
CE MSE A 438 -32.71 5.62 10.55
N GLY A 439 -31.51 10.82 12.77
CA GLY A 439 -31.18 11.31 14.10
C GLY A 439 -29.69 11.43 14.32
N VAL A 440 -29.29 11.68 15.57
CA VAL A 440 -27.88 11.74 15.94
C VAL A 440 -27.38 10.35 16.28
N LEU A 441 -26.14 10.05 15.89
CA LEU A 441 -25.54 8.76 16.20
C LEU A 441 -24.25 8.94 16.95
N LYS A 442 -24.12 8.19 18.04
CA LYS A 442 -22.88 8.11 18.78
C LYS A 442 -22.21 6.86 18.25
N ILE A 443 -21.00 7.05 17.71
CA ILE A 443 -20.21 5.95 17.15
C ILE A 443 -18.92 5.88 17.92
N ALA A 444 -18.47 4.68 18.25
CA ALA A 444 -17.22 4.50 19.00
C ALA A 444 -16.64 3.09 18.84
N SER A 445 -15.32 3.01 18.82
CA SER A 445 -14.60 1.74 18.72
C SER A 445 -13.90 1.39 20.04
N HIS A 446 -13.66 0.09 20.23
CA HIS A 446 -13.16 -0.47 21.49
C HIS A 446 -11.78 -1.13 21.33
N GLY B 10 11.26 -10.57 -40.57
CA GLY B 10 10.76 -11.59 -41.53
C GLY B 10 10.00 -12.72 -40.85
N ASN B 11 8.72 -12.85 -41.20
CA ASN B 11 7.86 -13.99 -40.84
C ASN B 11 7.38 -14.06 -39.36
N THR B 12 7.23 -12.92 -38.70
CA THR B 12 6.77 -12.85 -37.30
C THR B 12 5.94 -11.58 -37.09
N LYS B 13 4.87 -11.67 -36.30
CA LYS B 13 4.00 -10.53 -36.05
C LYS B 13 4.39 -9.80 -34.77
N ILE B 14 4.41 -8.47 -34.80
CA ILE B 14 4.40 -7.70 -33.58
C ILE B 14 2.95 -7.57 -33.22
N LEU B 15 2.57 -8.16 -32.09
CA LEU B 15 1.20 -8.09 -31.63
C LEU B 15 0.95 -6.73 -31.00
N THR B 16 1.89 -6.27 -30.18
CA THR B 16 1.82 -4.96 -29.56
C THR B 16 3.18 -4.30 -29.56
N GLU B 17 3.23 -2.98 -29.75
CA GLU B 17 4.49 -2.22 -29.71
C GLU B 17 4.26 -0.83 -29.13
N THR B 18 3.84 -0.79 -27.88
CA THR B 18 3.70 0.45 -27.13
C THR B 18 5.05 1.18 -27.02
N GLU B 19 4.98 2.41 -26.53
CA GLU B 19 6.15 3.20 -26.17
C GLU B 19 6.98 2.51 -25.09
N LYS B 20 6.30 1.84 -24.16
CA LYS B 20 6.98 1.24 -22.99
C LYS B 20 7.27 -0.27 -23.08
N TYR B 21 6.43 -1.03 -23.80
CA TYR B 21 6.70 -2.47 -23.98
C TYR B 21 6.31 -2.96 -25.36
N SER B 22 6.65 -4.21 -25.67
CA SER B 22 6.28 -4.84 -26.93
C SER B 22 6.05 -6.34 -26.79
N VAL B 23 5.21 -6.89 -27.65
CA VAL B 23 4.88 -8.29 -27.63
C VAL B 23 4.90 -8.79 -29.06
N THR B 24 5.70 -9.82 -29.31
CA THR B 24 5.87 -10.35 -30.66
C THR B 24 5.74 -11.86 -30.67
N LYS B 25 4.92 -12.36 -31.57
CA LYS B 25 4.76 -13.79 -31.78
C LYS B 25 5.85 -14.23 -32.71
N LEU B 26 6.64 -15.20 -32.27
CA LEU B 26 7.73 -15.70 -33.08
C LEU B 26 7.24 -16.57 -34.22
N SER B 27 8.10 -16.76 -35.22
CA SER B 27 7.73 -17.35 -36.51
C SER B 27 7.17 -18.76 -36.41
N THR B 28 7.77 -19.58 -35.57
CA THR B 28 7.43 -21.00 -35.54
C THR B 28 6.05 -21.25 -34.91
N ASP B 29 5.36 -22.23 -35.49
CA ASP B 29 3.96 -22.55 -35.25
C ASP B 29 3.86 -23.80 -34.39
N LEU B 30 2.86 -23.88 -33.51
CA LEU B 30 2.72 -25.04 -32.62
C LEU B 30 1.70 -26.06 -33.13
N SER B 31 1.73 -26.35 -34.42
CA SER B 31 0.76 -27.27 -35.01
C SER B 31 1.03 -28.71 -34.59
N PHE B 32 2.31 -29.06 -34.53
CA PHE B 32 2.75 -30.41 -34.14
C PHE B 32 2.13 -30.93 -32.84
N LEU B 33 1.90 -30.04 -31.89
CA LEU B 33 1.21 -30.39 -30.66
C LEU B 33 -0.26 -30.63 -31.00
N PRO B 34 -0.82 -31.78 -30.59
CA PRO B 34 -2.19 -32.12 -31.04
C PRO B 34 -3.30 -31.16 -30.59
N PHE B 48 -2.55 -31.82 -20.52
CA PHE B 48 -1.51 -31.05 -19.85
C PHE B 48 -0.20 -31.10 -20.65
N GLU B 49 0.68 -30.12 -20.40
CA GLU B 49 1.88 -29.91 -21.21
C GLU B 49 3.09 -29.31 -20.51
N GLY B 50 4.21 -29.54 -21.17
CA GLY B 50 5.16 -28.51 -21.45
C GLY B 50 6.00 -28.04 -20.32
N LEU B 51 6.98 -27.20 -20.65
CA LEU B 51 7.82 -26.59 -19.62
C LEU B 51 8.55 -25.32 -20.00
N VAL B 52 9.33 -25.34 -21.07
CA VAL B 52 10.50 -24.44 -21.01
C VAL B 52 11.08 -23.85 -22.29
N ASP B 53 11.76 -22.71 -22.10
CA ASP B 53 12.69 -22.11 -23.06
C ASP B 53 14.04 -21.89 -22.40
N THR B 54 15.12 -22.34 -23.08
CA THR B 54 16.51 -21.97 -22.71
C THR B 54 16.93 -20.77 -23.54
N ALA B 55 17.68 -19.87 -22.93
CA ALA B 55 18.06 -18.67 -23.63
C ALA B 55 19.21 -18.92 -24.59
N LEU B 56 19.90 -20.07 -24.54
CA LEU B 56 20.41 -20.65 -25.82
C LEU B 56 19.15 -21.19 -26.53
N GLN B 57 19.04 -21.07 -27.85
CA GLN B 57 17.71 -21.10 -28.47
C GLN B 57 17.09 -22.48 -28.66
N LYS B 58 16.53 -23.03 -27.60
CA LYS B 58 15.70 -24.23 -27.71
C LYS B 58 14.45 -24.10 -26.88
N ALA B 59 13.32 -24.54 -27.42
CA ALA B 59 12.11 -24.66 -26.64
C ALA B 59 11.85 -26.15 -26.44
N LEU B 60 11.21 -26.47 -25.30
CA LEU B 60 10.88 -27.84 -24.96
C LEU B 60 9.51 -27.93 -24.34
N VAL B 61 8.75 -28.92 -24.78
CA VAL B 61 7.42 -29.17 -24.29
C VAL B 61 7.27 -30.68 -24.16
N ASN B 62 6.84 -31.15 -22.99
CA ASN B 62 6.50 -32.56 -22.81
C ASN B 62 5.03 -32.74 -22.50
N ASP B 63 4.45 -33.76 -23.11
CA ASP B 63 3.11 -34.20 -22.76
C ASP B 63 3.35 -35.18 -21.63
N LEU B 64 2.48 -36.18 -21.53
CA LEU B 64 2.78 -37.41 -20.82
C LEU B 64 3.53 -38.38 -21.75
N ASP B 65 3.24 -38.32 -23.04
CA ASP B 65 3.77 -39.29 -24.00
C ASP B 65 5.09 -38.90 -24.63
N HIS B 66 5.22 -37.63 -25.05
CA HIS B 66 6.40 -37.21 -25.80
C HIS B 66 7.01 -35.89 -25.35
N ILE B 67 8.26 -35.68 -25.76
CA ILE B 67 8.93 -34.37 -25.65
C ILE B 67 9.08 -33.80 -27.05
N TYR B 68 8.88 -32.49 -27.18
CA TYR B 68 9.09 -31.80 -28.44
C TYR B 68 10.10 -30.71 -28.21
N ILE B 69 11.16 -30.74 -28.99
CA ILE B 69 12.20 -29.74 -28.87
C ILE B 69 12.41 -29.10 -30.21
N TRP B 70 12.53 -27.78 -30.21
CA TRP B 70 12.75 -27.04 -31.45
C TRP B 70 13.43 -25.72 -31.17
N ASN B 71 14.07 -25.17 -32.19
CA ASN B 71 14.60 -23.83 -32.10
C ASN B 71 13.47 -22.82 -32.33
N TYR B 72 13.13 -22.09 -31.28
CA TYR B 72 12.00 -21.16 -31.31
C TYR B 72 12.20 -19.92 -32.20
N ASN B 73 13.45 -19.65 -32.59
CA ASN B 73 13.79 -18.57 -33.54
C ASN B 73 13.86 -19.03 -35.00
N SER B 74 13.24 -20.15 -35.33
CA SER B 74 13.50 -20.83 -36.61
C SER B 74 13.40 -19.97 -37.87
N ILE B 75 12.51 -18.96 -37.84
CA ILE B 75 12.23 -18.03 -38.98
C ILE B 75 11.15 -18.55 -39.94
N GLN B 76 10.88 -19.85 -39.88
CA GLN B 76 9.78 -20.44 -40.63
C GLN B 76 9.29 -21.70 -39.91
N LYS B 77 8.20 -22.29 -40.38
CA LYS B 77 7.75 -23.59 -39.84
C LYS B 77 8.83 -24.66 -40.05
N ASP B 78 9.46 -25.10 -38.95
CA ASP B 78 10.61 -26.03 -38.99
C ASP B 78 10.51 -27.32 -38.12
N THR B 79 11.56 -27.66 -37.35
CA THR B 79 11.93 -29.09 -37.13
C THR B 79 11.94 -29.62 -35.70
N PRO B 80 10.77 -30.01 -35.15
CA PRO B 80 10.83 -30.61 -33.82
C PRO B 80 11.51 -31.97 -33.72
N ILE B 81 12.40 -32.11 -32.73
CA ILE B 81 12.84 -33.41 -32.25
C ILE B 81 11.70 -33.94 -31.37
N CYS B 82 11.30 -35.17 -31.62
CA CYS B 82 10.18 -35.78 -30.94
C CYS B 82 10.75 -36.95 -30.17
N LYS B 83 10.60 -36.95 -28.85
CA LYS B 83 11.09 -38.07 -28.05
C LYS B 83 10.00 -38.74 -27.25
N ILE B 84 9.95 -40.07 -27.31
CA ILE B 84 8.90 -40.87 -26.66
C ILE B 84 9.34 -41.35 -25.27
N SER B 85 8.39 -41.40 -24.35
CA SER B 85 8.62 -41.82 -22.96
C SER B 85 8.22 -43.30 -22.83
N LEU B 86 9.22 -44.18 -22.81
CA LEU B 86 9.08 -45.61 -23.14
C LEU B 86 8.24 -46.50 -22.20
N HIS B 87 8.46 -46.42 -20.89
CA HIS B 87 7.68 -47.19 -19.90
C HIS B 87 7.28 -46.29 -18.74
N ASP B 88 5.99 -46.27 -18.42
CA ASP B 88 5.44 -45.41 -17.35
C ASP B 88 4.88 -46.29 -16.23
N SER B 94 -0.20 -40.77 -13.46
CA SER B 94 0.81 -39.82 -13.00
C SER B 94 0.74 -38.52 -13.80
N SER B 95 1.77 -37.69 -13.70
CA SER B 95 1.79 -36.42 -14.41
C SER B 95 3.05 -36.38 -15.31
N PRO B 96 3.16 -35.34 -16.16
CA PRO B 96 4.35 -35.22 -17.03
C PRO B 96 5.63 -34.97 -16.26
N PRO B 97 6.77 -35.50 -16.76
CA PRO B 97 8.04 -35.39 -16.07
C PRO B 97 8.68 -34.03 -16.25
N ILE B 98 9.64 -33.67 -15.39
CA ILE B 98 10.42 -32.45 -15.58
C ILE B 98 11.58 -32.83 -16.45
N CYS B 99 11.79 -32.06 -17.52
CA CYS B 99 12.91 -32.23 -18.40
C CYS B 99 13.79 -31.01 -18.31
N LEU B 100 15.09 -31.22 -18.48
CA LEU B 100 16.07 -30.17 -18.33
C LEU B 100 17.20 -30.38 -19.32
N PHE B 101 17.65 -29.30 -19.97
CA PHE B 101 18.77 -29.40 -20.91
C PHE B 101 20.07 -29.34 -20.15
N THR B 102 21.09 -29.97 -20.72
CA THR B 102 22.43 -29.99 -20.18
C THR B 102 23.39 -29.83 -21.35
N SER B 103 24.55 -29.23 -21.12
CA SER B 103 25.48 -28.95 -22.19
C SER B 103 25.98 -30.23 -22.86
N SER B 104 26.67 -30.05 -23.98
CA SER B 104 27.17 -31.14 -24.84
C SER B 104 28.59 -31.55 -24.44
N ILE B 105 29.13 -32.53 -25.15
CA ILE B 105 30.58 -32.85 -25.15
C ILE B 105 31.45 -31.64 -24.84
N ASN B 130 23.06 -32.22 -27.84
CA ASN B 130 22.82 -31.74 -26.47
C ASN B 130 22.29 -32.80 -25.51
N GLY B 131 22.35 -32.49 -24.20
CA GLY B 131 21.93 -33.43 -23.17
C GLY B 131 20.53 -33.13 -22.67
N ILE B 132 19.92 -34.10 -22.01
CA ILE B 132 18.59 -33.94 -21.44
C ILE B 132 18.44 -34.78 -20.17
N CYS B 133 17.83 -34.19 -19.15
CA CYS B 133 17.49 -34.90 -17.93
C CYS B 133 15.98 -35.11 -17.90
N ILE B 134 15.55 -36.32 -17.56
CA ILE B 134 14.13 -36.62 -17.44
C ILE B 134 13.82 -36.99 -16.01
N ILE B 135 13.24 -36.04 -15.27
CA ILE B 135 12.98 -36.23 -13.85
C ILE B 135 11.52 -36.65 -13.69
N ASN B 136 11.28 -37.70 -12.92
CA ASN B 136 9.93 -38.24 -12.72
C ASN B 136 9.40 -37.88 -11.34
N LYS B 137 8.36 -37.04 -11.32
CA LYS B 137 7.95 -36.30 -10.12
C LYS B 137 7.66 -37.16 -8.90
N LYS B 138 6.77 -38.13 -9.05
CA LYS B 138 6.44 -39.02 -7.96
C LYS B 138 7.40 -40.20 -7.98
N ASN B 139 7.61 -40.73 -9.17
CA ASN B 139 8.28 -42.01 -9.38
C ASN B 139 9.59 -42.19 -8.64
N SER B 140 10.32 -41.10 -8.44
CA SER B 140 11.57 -41.10 -7.69
C SER B 140 12.72 -41.58 -8.58
N GLN B 141 12.54 -41.46 -9.89
CA GLN B 141 13.53 -41.90 -10.85
C GLN B 141 14.09 -40.75 -11.66
N PHE B 142 15.40 -40.77 -11.91
CA PHE B 142 16.09 -39.68 -12.60
C PHE B 142 16.80 -40.23 -13.82
N LEU B 143 16.47 -39.73 -15.01
CA LEU B 143 17.09 -40.18 -16.25
C LEU B 143 17.91 -39.12 -16.94
N TYR B 144 19.03 -39.52 -17.52
CA TYR B 144 19.92 -38.58 -18.21
C TYR B 144 20.42 -39.18 -19.54
N PHE B 145 20.42 -38.33 -20.58
CA PHE B 145 21.00 -38.65 -21.88
C PHE B 145 22.05 -37.62 -22.25
N GLU B 146 23.23 -38.08 -22.65
CA GLU B 146 24.33 -37.19 -23.05
C GLU B 146 24.01 -36.44 -24.32
N ASP B 147 23.46 -37.13 -25.32
CA ASP B 147 23.13 -36.51 -26.61
C ASP B 147 21.65 -36.47 -26.91
N ILE B 148 21.22 -35.35 -27.47
CA ILE B 148 19.87 -35.20 -27.98
C ILE B 148 19.72 -36.02 -29.25
N SER B 149 20.73 -35.96 -30.12
CA SER B 149 20.59 -36.35 -31.52
C SER B 149 19.84 -37.67 -31.70
N THR B 150 20.20 -38.68 -30.92
CA THR B 150 19.49 -39.95 -30.91
C THR B 150 18.22 -39.85 -30.07
N HIS B 164 21.54 -43.19 -18.78
CA HIS B 164 21.86 -43.00 -17.36
C HIS B 164 20.64 -42.94 -16.44
N VAL B 165 20.72 -43.68 -15.32
CA VAL B 165 19.59 -43.81 -14.40
C VAL B 165 20.00 -43.60 -12.93
N LEU B 166 19.10 -42.97 -12.16
CA LEU B 166 19.31 -42.73 -10.73
C LEU B 166 18.01 -42.86 -9.94
N ASP B 167 17.98 -43.79 -9.01
CA ASP B 167 16.90 -43.92 -8.03
C ASP B 167 17.16 -42.90 -6.92
N LEU B 168 16.16 -42.07 -6.62
CA LEU B 168 16.39 -40.91 -5.76
C LEU B 168 16.07 -41.14 -4.29
N LYS B 169 15.54 -42.31 -3.94
CA LYS B 169 15.13 -42.65 -2.56
C LYS B 169 14.18 -41.61 -1.94
N LEU B 170 13.06 -41.36 -2.60
CA LEU B 170 12.05 -40.46 -2.07
C LEU B 170 10.98 -41.19 -1.27
N LYS B 171 10.41 -40.51 -0.29
CA LYS B 171 9.29 -41.06 0.47
C LYS B 171 8.08 -41.09 -0.43
N ASP B 172 7.24 -42.12 -0.28
CA ASP B 172 6.11 -42.35 -1.19
C ASP B 172 5.29 -41.10 -1.52
N ASN B 173 5.01 -40.31 -0.49
CA ASN B 173 4.21 -39.12 -0.68
C ASN B 173 5.03 -37.96 -1.26
N GLU B 174 6.34 -37.97 -1.07
CA GLU B 174 7.21 -36.87 -1.51
C GLU B 174 7.39 -36.84 -3.02
N ASN B 175 7.32 -35.64 -3.59
CA ASN B 175 7.39 -35.44 -5.03
C ASN B 175 8.31 -34.29 -5.36
N ILE B 176 8.88 -34.32 -6.56
CA ILE B 176 9.73 -33.23 -7.01
C ILE B 176 8.85 -32.04 -7.41
N THR B 177 9.18 -30.87 -6.86
CA THR B 177 8.43 -29.64 -7.09
C THR B 177 9.22 -28.53 -7.82
N SER B 178 10.56 -28.61 -7.82
CA SER B 178 11.38 -27.65 -8.54
C SER B 178 12.65 -28.31 -8.98
N THR B 179 13.27 -27.77 -10.03
CA THR B 179 14.56 -28.24 -10.50
C THR B 179 15.24 -27.23 -11.39
N ILE B 180 16.52 -27.00 -11.15
CA ILE B 180 17.31 -26.08 -11.95
C ILE B 180 18.66 -26.71 -12.25
N ASN B 181 19.44 -26.01 -13.06
CA ASN B 181 20.70 -26.51 -13.57
C ASN B 181 21.84 -25.55 -13.25
N CYS B 182 22.79 -26.02 -12.44
CA CYS B 182 24.00 -25.24 -12.14
C CYS B 182 25.19 -25.81 -12.89
N GLU B 183 25.36 -25.30 -14.10
CA GLU B 183 26.02 -26.01 -15.19
C GLU B 183 27.36 -26.66 -14.86
N PRO B 184 28.26 -25.94 -14.15
CA PRO B 184 29.54 -26.59 -13.79
C PRO B 184 29.42 -27.58 -12.64
N SER B 185 28.70 -27.21 -11.58
CA SER B 185 28.55 -28.06 -10.41
C SER B 185 27.60 -29.23 -10.68
N GLY B 186 26.31 -28.94 -10.87
CA GLY B 186 25.35 -30.00 -11.18
C GLY B 186 23.94 -29.50 -11.30
N ILE B 187 23.00 -30.40 -11.05
CA ILE B 187 21.57 -30.09 -11.10
C ILE B 187 20.94 -30.26 -9.71
N ILE B 188 19.96 -29.42 -9.42
CA ILE B 188 19.41 -29.33 -8.08
C ILE B 188 17.95 -29.65 -8.11
N ILE B 189 17.56 -30.60 -7.27
CA ILE B 189 16.19 -31.02 -7.14
C ILE B 189 15.65 -30.48 -5.84
N ALA B 190 14.41 -29.99 -5.88
CA ALA B 190 13.71 -29.62 -4.66
C ALA B 190 12.42 -30.42 -4.61
N THR B 191 12.06 -30.89 -3.42
CA THR B 191 10.90 -31.75 -3.24
C THR B 191 9.84 -31.12 -2.37
N SER B 192 8.67 -31.75 -2.38
CA SER B 192 7.51 -31.27 -1.62
C SER B 192 7.74 -31.33 -0.11
N LEU B 193 8.70 -32.14 0.32
CA LEU B 193 9.08 -32.18 1.74
C LEU B 193 10.24 -31.25 2.06
N GLY B 194 10.51 -30.28 1.18
CA GLY B 194 11.51 -29.27 1.46
C GLY B 194 12.94 -29.75 1.37
N ARG B 195 13.13 -30.98 0.89
CA ARG B 195 14.44 -31.55 0.69
C ARG B 195 15.04 -30.99 -0.59
N VAL B 196 16.35 -30.74 -0.57
CA VAL B 196 17.05 -30.24 -1.74
C VAL B 196 18.24 -31.14 -2.01
N LEU B 197 18.22 -31.79 -3.18
CA LEU B 197 19.29 -32.71 -3.57
C LEU B 197 20.20 -32.10 -4.61
N PHE B 198 21.49 -32.40 -4.46
CA PHE B 198 22.50 -31.99 -5.40
C PHE B 198 22.89 -33.22 -6.19
N ILE B 199 22.58 -33.22 -7.48
CA ILE B 199 22.88 -34.33 -8.35
C ILE B 199 23.85 -33.89 -9.43
N THR B 200 24.92 -34.66 -9.58
CA THR B 200 26.00 -34.33 -10.49
C THR B 200 25.88 -35.13 -11.80
N ILE B 201 26.53 -34.65 -12.84
CA ILE B 201 26.54 -35.31 -14.16
C ILE B 201 27.91 -35.89 -14.52
N LYS B 202 28.97 -35.36 -13.92
CA LYS B 202 30.34 -35.79 -14.22
C LYS B 202 31.08 -36.21 -12.95
N ASP B 203 32.24 -36.82 -13.16
CA ASP B 203 33.00 -37.49 -12.09
C ASP B 203 34.15 -36.67 -11.49
N SER B 204 34.22 -35.38 -11.80
CA SER B 204 35.42 -34.56 -11.49
C SER B 204 36.64 -35.02 -12.32
N THR B 205 36.53 -36.22 -12.89
CA THR B 205 37.08 -36.49 -14.22
C THR B 205 35.91 -36.02 -15.11
N GLY B 206 36.22 -35.49 -16.29
CA GLY B 206 35.20 -34.94 -17.19
C GLY B 206 34.16 -35.94 -17.67
N LYS B 207 34.29 -37.22 -17.31
CA LYS B 207 33.49 -38.27 -17.94
C LYS B 207 32.03 -38.23 -17.48
N PRO B 208 31.11 -38.60 -18.38
CA PRO B 208 29.68 -38.59 -18.08
C PRO B 208 29.23 -39.75 -17.18
N LYS B 209 28.86 -39.43 -15.94
CA LYS B 209 28.18 -40.39 -15.06
C LYS B 209 27.51 -39.63 -13.91
N LEU B 210 26.20 -39.83 -13.77
CA LEU B 210 25.43 -39.08 -12.78
C LEU B 210 25.58 -39.69 -11.40
N GLU B 211 25.37 -38.87 -10.38
CA GLU B 211 25.44 -39.31 -8.99
C GLU B 211 24.77 -38.31 -8.05
N LEU B 212 24.03 -38.85 -7.08
CA LEU B 212 23.45 -38.04 -6.02
C LEU B 212 24.58 -37.65 -5.07
N LYS B 213 25.25 -36.54 -5.39
CA LYS B 213 26.48 -36.15 -4.70
C LYS B 213 26.24 -35.71 -3.25
N GLN B 214 25.19 -34.95 -2.99
CA GLN B 214 24.95 -34.47 -1.64
C GLN B 214 23.49 -34.04 -1.45
N GLN B 215 23.02 -34.11 -0.21
CA GLN B 215 21.71 -33.61 0.15
C GLN B 215 21.91 -32.30 0.89
N LEU B 216 21.58 -31.20 0.24
CA LEU B 216 21.84 -29.88 0.81
C LEU B 216 20.88 -29.58 1.93
N ILE B 217 19.61 -29.90 1.72
CA ILE B 217 18.59 -29.72 2.74
C ILE B 217 17.88 -31.02 2.98
N LYS B 218 17.65 -31.30 4.25
CA LYS B 218 17.03 -32.54 4.66
C LYS B 218 15.54 -32.46 4.42
N PRO B 219 14.89 -33.62 4.31
CA PRO B 219 13.44 -33.59 4.24
C PRO B 219 12.90 -33.07 5.55
N GLN B 220 12.17 -31.98 5.48
CA GLN B 220 11.76 -31.25 6.67
C GLN B 220 10.44 -31.80 7.19
N ASN B 221 9.97 -32.87 6.53
CA ASN B 221 9.12 -33.86 7.14
C ASN B 221 9.54 -34.01 8.58
N SER B 222 8.72 -33.47 9.48
CA SER B 222 8.78 -33.89 10.86
C SER B 222 8.69 -35.41 10.77
N PHE B 223 9.74 -36.08 11.21
CA PHE B 223 9.70 -37.54 11.30
C PHE B 223 8.81 -37.94 12.50
N PHE B 224 8.12 -36.94 13.06
CA PHE B 224 7.21 -37.12 14.17
C PHE B 224 5.73 -36.88 13.84
N PHE B 225 5.44 -35.85 13.05
CA PHE B 225 4.05 -35.44 12.77
C PHE B 225 3.55 -35.92 11.43
N ARG B 226 2.24 -35.89 11.26
CA ARG B 226 1.59 -36.12 9.98
C ARG B 226 1.73 -34.91 9.05
N ASN B 227 1.54 -33.71 9.59
CA ASN B 227 1.39 -32.47 8.81
C ASN B 227 2.65 -31.62 8.65
N LEU B 228 2.89 -31.15 7.43
CA LEU B 228 4.08 -30.35 7.16
C LEU B 228 3.98 -28.93 7.67
N ASP B 229 5.13 -28.28 7.69
CA ASP B 229 5.22 -26.85 7.86
C ASP B 229 5.40 -26.23 6.48
N SER B 230 4.40 -25.45 6.06
CA SER B 230 4.46 -24.70 4.79
C SER B 230 5.67 -23.76 4.71
N SER B 231 6.07 -23.24 5.87
CA SER B 231 7.29 -22.41 6.04
C SER B 231 8.52 -22.93 5.28
N LYS B 232 8.65 -24.25 5.20
CA LYS B 232 9.87 -24.88 4.72
C LYS B 232 9.82 -25.26 3.22
N GLU B 233 8.74 -24.84 2.55
CA GLU B 233 8.53 -25.14 1.15
C GLU B 233 9.46 -24.32 0.28
N ILE B 234 10.18 -25.01 -0.59
CA ILE B 234 11.13 -24.34 -1.48
C ILE B 234 10.38 -23.63 -2.62
N ILE B 235 10.46 -22.32 -2.68
CA ILE B 235 9.78 -21.51 -3.70
C ILE B 235 10.75 -20.89 -4.71
N SER B 236 12.03 -21.15 -4.57
CA SER B 236 13.00 -20.59 -5.50
C SER B 236 14.35 -21.27 -5.39
N LEU B 237 14.80 -21.80 -6.52
CA LEU B 237 16.17 -22.22 -6.73
C LEU B 237 16.70 -21.35 -7.84
N LYS B 238 17.79 -20.63 -7.58
CA LYS B 238 18.41 -19.81 -8.61
C LYS B 238 19.91 -20.04 -8.59
N LYS B 239 20.54 -20.00 -9.76
CA LYS B 239 21.98 -20.15 -9.81
C LYS B 239 22.66 -18.79 -9.67
N GLY B 240 23.83 -18.82 -9.05
CA GLY B 240 24.65 -17.63 -8.83
C GLY B 240 25.87 -17.72 -9.71
N PRO B 241 26.86 -16.85 -9.48
CA PRO B 241 28.04 -16.81 -10.36
C PRO B 241 28.91 -18.03 -10.21
N ILE B 242 29.89 -18.17 -11.09
CA ILE B 242 30.89 -19.23 -10.95
C ILE B 242 31.93 -18.77 -9.93
N VAL B 243 32.56 -19.72 -9.26
CA VAL B 243 33.60 -19.44 -8.26
C VAL B 243 34.74 -20.47 -8.28
N GLY B 244 35.14 -20.88 -9.48
CA GLY B 244 36.27 -21.80 -9.65
C GLY B 244 35.92 -23.09 -10.36
N LYS B 245 36.89 -24.02 -10.40
CA LYS B 245 36.70 -25.32 -11.04
C LYS B 245 35.53 -26.09 -10.44
N GLY B 246 34.46 -26.22 -11.23
CA GLY B 246 33.31 -27.02 -10.85
C GLY B 246 32.46 -26.43 -9.75
N GLU B 247 32.70 -25.16 -9.41
CA GLU B 247 32.10 -24.55 -8.23
C GLU B 247 31.26 -23.34 -8.57
N ARG B 248 30.02 -23.36 -8.11
CA ARG B 248 29.06 -22.30 -8.39
C ARG B 248 28.16 -22.04 -7.18
N LEU B 249 27.66 -20.82 -7.08
CA LEU B 249 26.72 -20.43 -6.03
C LEU B 249 25.28 -20.80 -6.37
N LEU B 250 24.53 -21.12 -5.32
CA LEU B 250 23.10 -21.43 -5.42
C LEU B 250 22.33 -20.58 -4.41
N TYR B 251 21.19 -20.04 -4.83
CA TYR B 251 20.33 -19.30 -3.93
C TYR B 251 19.02 -20.04 -3.72
N ILE B 252 18.79 -20.51 -2.49
CA ILE B 252 17.53 -21.15 -2.16
C ILE B 252 16.70 -20.20 -1.34
N THR B 253 15.40 -20.09 -1.65
CA THR B 253 14.46 -19.31 -0.86
C THR B 253 13.26 -20.18 -0.52
N THR B 254 12.68 -19.94 0.65
CA THR B 254 11.54 -20.73 1.07
C THR B 254 10.35 -19.84 1.37
N ARG B 255 9.17 -20.46 1.41
CA ARG B 255 7.89 -19.75 1.54
C ARG B 255 7.80 -18.95 2.82
N GLY B 256 8.49 -19.42 3.86
CA GLY B 256 8.56 -18.72 5.14
C GLY B 256 9.64 -17.65 5.21
N GLY B 257 10.22 -17.30 4.06
CA GLY B 257 11.14 -16.18 3.98
C GLY B 257 12.54 -16.47 4.47
N SER B 258 12.98 -17.72 4.42
CA SER B 258 14.38 -18.04 4.67
C SER B 258 15.10 -18.02 3.35
N LEU B 259 16.25 -17.34 3.34
CA LEU B 259 17.08 -17.24 2.15
C LEU B 259 18.49 -17.81 2.41
N GLN B 260 18.88 -18.83 1.65
CA GLN B 260 20.16 -19.50 1.79
C GLN B 260 21.01 -19.31 0.56
N ILE B 261 22.28 -18.97 0.79
CA ILE B 261 23.29 -19.04 -0.26
C ILE B 261 24.09 -20.31 -0.03
N TRP B 262 24.10 -21.19 -1.02
CA TRP B 262 24.91 -22.40 -0.97
C TRP B 262 26.04 -22.31 -1.97
N GLN B 263 27.18 -22.92 -1.64
CA GLN B 263 28.26 -23.07 -2.59
C GLN B 263 28.41 -24.52 -2.98
N LEU B 264 28.21 -24.78 -4.27
CA LEU B 264 28.27 -26.13 -4.82
C LEU B 264 29.64 -26.42 -5.37
N SER B 265 29.94 -27.72 -5.47
CA SER B 265 31.25 -28.20 -5.93
C SER B 265 31.12 -29.61 -6.43
N ILE B 266 31.90 -29.95 -7.46
CA ILE B 266 31.92 -31.31 -8.02
C ILE B 266 33.00 -32.18 -7.37
N ASN B 267 34.13 -31.57 -6.99
CA ASN B 267 35.25 -32.26 -6.34
C ASN B 267 35.11 -32.25 -4.81
N SER B 268 34.80 -31.08 -4.27
CA SER B 268 34.76 -30.88 -2.82
C SER B 268 33.40 -31.27 -2.26
N LYS B 269 33.13 -30.80 -1.05
CA LYS B 269 31.77 -30.81 -0.49
C LYS B 269 31.14 -29.44 -0.69
N SER B 270 29.82 -29.44 -0.89
CA SER B 270 29.04 -28.21 -0.99
C SER B 270 28.64 -27.79 0.40
N PHE B 271 28.61 -26.49 0.63
CA PHE B 271 28.29 -25.95 1.95
C PHE B 271 27.50 -24.64 1.87
N LYS B 272 26.84 -24.32 2.97
CA LYS B 272 26.00 -23.13 3.04
C LYS B 272 26.86 -21.97 3.48
N ARG B 273 26.91 -20.94 2.66
CA ARG B 273 27.69 -19.75 2.98
C ARG B 273 26.92 -18.75 3.84
N LEU B 274 25.59 -18.81 3.79
CA LEU B 274 24.71 -17.87 4.51
C LEU B 274 23.27 -18.36 4.56
N GLU B 275 22.62 -18.14 5.69
CA GLU B 275 21.18 -18.27 5.78
C GLU B 275 20.65 -17.12 6.64
N ILE B 276 19.62 -16.46 6.14
CA ILE B 276 18.92 -15.42 6.88
C ILE B 276 17.45 -15.70 6.82
N ASN B 277 16.67 -14.96 7.61
CA ASN B 277 15.22 -15.00 7.46
C ASN B 277 14.60 -13.62 7.55
N ILE B 278 13.85 -13.28 6.51
CA ILE B 278 13.37 -11.93 6.32
C ILE B 278 11.91 -11.74 6.74
N TYR B 279 11.26 -12.83 7.14
CA TYR B 279 9.81 -12.81 7.35
C TYR B 279 9.31 -11.80 8.39
N GLU B 280 9.85 -11.89 9.60
CA GLU B 280 9.46 -11.00 10.67
C GLU B 280 9.73 -9.57 10.29
N HIS B 281 10.89 -9.31 9.70
CA HIS B 281 11.25 -7.96 9.40
C HIS B 281 10.41 -7.40 8.26
N VAL B 282 10.13 -8.23 7.28
CA VAL B 282 9.25 -7.83 6.19
C VAL B 282 7.85 -7.57 6.72
N LEU B 283 7.29 -8.56 7.40
CA LEU B 283 5.96 -8.38 7.95
C LEU B 283 5.87 -7.06 8.71
N ASP B 284 6.90 -6.73 9.47
CA ASP B 284 6.88 -5.49 10.24
C ASP B 284 6.80 -4.27 9.34
N SER B 285 7.52 -4.32 8.21
CA SER B 285 7.55 -3.24 7.24
C SER B 285 6.23 -3.04 6.49
N LEU B 286 5.37 -4.06 6.47
CA LEU B 286 4.08 -3.97 5.80
C LEU B 286 2.91 -3.70 6.72
N GLN B 287 3.02 -4.10 7.97
CA GLN B 287 1.83 -4.26 8.79
C GLN B 287 1.04 -2.98 9.08
N ASP B 288 1.71 -1.88 9.36
CA ASP B 288 1.00 -0.62 9.54
C ASP B 288 0.18 -0.26 8.29
N LEU B 289 0.75 -0.49 7.10
CA LEU B 289 0.02 -0.30 5.84
C LEU B 289 -1.08 -1.32 5.68
N TYR B 290 -0.72 -2.58 5.91
CA TYR B 290 -1.60 -3.71 5.59
C TYR B 290 -1.74 -4.65 6.77
N PRO B 291 -2.54 -4.28 7.77
CA PRO B 291 -2.68 -5.08 8.97
C PRO B 291 -2.89 -6.56 8.68
N PHE B 292 -3.68 -6.87 7.64
CA PHE B 292 -3.98 -8.26 7.30
C PHE B 292 -2.79 -9.06 6.76
N ALA B 293 -1.64 -8.41 6.58
CA ALA B 293 -0.39 -9.09 6.19
C ALA B 293 0.01 -10.06 7.28
N HIS B 294 -0.41 -9.78 8.50
CA HIS B 294 -0.14 -10.64 9.62
C HIS B 294 -0.95 -11.93 9.51
N GLY B 295 -0.26 -13.05 9.38
CA GLY B 295 -0.91 -14.33 9.23
C GLY B 295 -1.09 -14.77 7.81
N THR B 296 -0.87 -13.87 6.84
CA THR B 296 -1.00 -14.25 5.45
C THR B 296 0.26 -14.08 4.60
N LEU B 297 1.22 -13.31 5.08
CA LEU B 297 2.44 -13.04 4.33
C LEU B 297 3.04 -14.34 3.95
N ALA B 298 3.33 -14.48 2.67
CA ALA B 298 3.90 -15.68 2.13
C ALA B 298 4.73 -15.32 0.93
N PHE B 299 5.96 -15.86 0.89
CA PHE B 299 6.86 -15.63 -0.20
C PHE B 299 6.61 -16.63 -1.32
N LEU B 300 6.68 -16.15 -2.56
CA LEU B 300 6.31 -16.94 -3.74
C LEU B 300 7.44 -17.15 -4.74
N ASP B 301 8.37 -16.20 -4.81
CA ASP B 301 9.56 -16.40 -5.61
C ASP B 301 10.63 -15.41 -5.15
N SER B 302 11.86 -15.67 -5.57
CA SER B 302 12.97 -14.79 -5.31
C SER B 302 13.89 -14.85 -6.50
N HIS B 303 14.60 -13.76 -6.75
CA HIS B 303 15.49 -13.64 -7.88
C HIS B 303 16.63 -12.70 -7.56
N PRO B 304 17.88 -13.11 -7.80
CA PRO B 304 18.97 -12.20 -7.57
C PRO B 304 18.97 -11.08 -8.58
N ILE B 305 19.38 -9.90 -8.16
CA ILE B 305 19.40 -8.73 -9.00
C ILE B 305 20.66 -8.64 -9.88
N TYR B 306 21.79 -9.07 -9.33
CA TYR B 306 23.04 -8.97 -10.07
C TYR B 306 23.57 -10.35 -10.44
N SER B 307 24.13 -10.43 -11.65
CA SER B 307 24.58 -11.71 -12.21
C SER B 307 25.86 -12.23 -11.55
N ASP B 308 26.63 -11.32 -10.96
CA ASP B 308 27.98 -11.65 -10.50
C ASP B 308 28.19 -11.58 -8.97
N THR B 309 27.22 -11.02 -8.25
CA THR B 309 27.29 -10.98 -6.78
C THR B 309 26.01 -11.53 -6.13
N SER B 310 26.15 -11.97 -4.89
CA SER B 310 25.04 -12.58 -4.16
C SER B 310 24.45 -11.63 -3.13
N SER B 311 24.90 -10.38 -3.13
CA SER B 311 24.54 -9.48 -2.04
C SER B 311 23.07 -9.10 -2.12
N ALA B 312 22.54 -8.94 -3.32
CA ALA B 312 21.21 -8.37 -3.48
C ALA B 312 20.22 -9.32 -4.14
N HIS B 313 18.98 -9.30 -3.67
CA HIS B 313 17.90 -10.15 -4.16
C HIS B 313 16.55 -9.46 -4.16
N LEU B 314 15.74 -9.74 -5.17
CA LEU B 314 14.37 -9.28 -5.21
C LEU B 314 13.44 -10.44 -4.90
N THR B 315 12.52 -10.26 -3.96
CA THR B 315 11.55 -11.30 -3.66
C THR B 315 10.13 -10.89 -4.02
N LEU B 316 9.29 -11.91 -4.21
CA LEU B 316 7.89 -11.72 -4.52
C LEU B 316 7.09 -12.37 -3.42
N ALA B 317 6.16 -11.62 -2.86
CA ALA B 317 5.35 -12.10 -1.76
C ALA B 317 3.88 -11.80 -1.99
N SER B 318 3.03 -12.48 -1.24
CA SER B 318 1.61 -12.23 -1.30
C SER B 318 1.06 -12.02 0.09
N ILE B 319 -0.04 -11.29 0.17
CA ILE B 319 -0.77 -11.13 1.41
C ILE B 319 -2.22 -11.09 1.06
N SER B 320 -3.06 -11.49 2.01
CA SER B 320 -4.46 -11.72 1.75
C SER B 320 -5.30 -11.10 2.85
N ASN B 321 -6.28 -10.29 2.48
CA ASN B 321 -7.38 -9.99 3.38
C ASN B 321 -8.30 -11.19 3.25
N GLY B 322 -9.60 -11.04 3.50
CA GLY B 322 -10.50 -12.16 3.23
C GLY B 322 -10.42 -12.65 1.78
N ASN B 323 -10.81 -11.75 0.87
CA ASN B 323 -11.17 -12.13 -0.49
C ASN B 323 -10.03 -12.02 -1.47
N GLU B 324 -9.36 -10.87 -1.49
CA GLU B 324 -8.32 -10.61 -2.45
C GLU B 324 -6.96 -11.06 -1.95
N ILE B 325 -6.08 -11.36 -2.90
CA ILE B 325 -4.67 -11.63 -2.63
C ILE B 325 -3.85 -10.62 -3.39
N TYR B 326 -3.09 -9.82 -2.66
CA TYR B 326 -2.25 -8.80 -3.26
C TYR B 326 -0.81 -9.27 -3.28
N TYR B 327 -0.02 -8.69 -4.18
CA TYR B 327 1.36 -9.12 -4.38
C TYR B 327 2.34 -7.98 -4.19
N LEU B 328 3.45 -8.27 -3.52
CA LEU B 328 4.46 -7.27 -3.23
C LEU B 328 5.82 -7.81 -3.60
N MSE B 329 6.76 -6.90 -3.80
CA MSE B 329 8.12 -7.30 -4.04
C MSE B 329 9.00 -6.55 -3.13
O MSE B 329 8.87 -5.33 -3.01
CB MSE B 329 8.51 -6.95 -5.45
CG MSE B 329 7.51 -7.53 -6.41
SE MSE B 329 8.37 -7.59 -8.17
CE MSE B 329 8.58 -5.65 -8.45
N ILE B 330 9.90 -7.27 -2.47
CA ILE B 330 10.83 -6.64 -1.55
C ILE B 330 12.23 -6.83 -2.06
N THR B 331 12.98 -5.74 -2.11
CA THR B 331 14.39 -5.80 -2.42
C THR B 331 15.16 -6.01 -1.11
N VAL B 332 15.98 -7.07 -1.08
CA VAL B 332 16.77 -7.44 0.10
C VAL B 332 18.25 -7.33 -0.22
N ILE B 333 19.03 -6.87 0.75
CA ILE B 333 20.48 -6.75 0.58
C ILE B 333 21.21 -7.50 1.70
N LEU B 334 21.92 -8.56 1.32
CA LEU B 334 22.60 -9.45 2.26
C LEU B 334 24.00 -8.94 2.52
N ASP B 335 24.45 -9.04 3.77
CA ASP B 335 25.84 -8.84 4.12
C ASP B 335 26.36 -10.16 4.66
N GLU B 336 27.24 -10.78 3.88
CA GLU B 336 27.75 -12.11 4.19
C GLU B 336 28.67 -12.06 5.41
N LYS B 337 29.44 -10.98 5.55
CA LYS B 337 30.34 -10.83 6.68
C LYS B 337 29.64 -10.79 8.03
N THR B 338 28.59 -9.97 8.13
CA THR B 338 27.82 -9.83 9.37
C THR B 338 26.63 -10.80 9.47
N ASN B 339 26.46 -11.69 8.49
CA ASN B 339 25.31 -12.62 8.48
C ASN B 339 24.00 -11.88 8.71
N SER B 340 23.89 -10.72 8.08
CA SER B 340 22.77 -9.85 8.29
C SER B 340 22.13 -9.51 6.95
N PHE B 341 21.05 -8.74 7.01
CA PHE B 341 20.37 -8.27 5.82
C PHE B 341 19.63 -7.01 6.15
N GLN B 342 19.22 -6.29 5.13
CA GLN B 342 18.50 -5.02 5.31
C GLN B 342 17.59 -4.82 4.08
N ILE B 343 16.37 -4.33 4.32
CA ILE B 343 15.35 -4.24 3.28
C ILE B 343 15.46 -2.91 2.58
N PHE B 344 15.89 -2.95 1.33
CA PHE B 344 16.13 -1.72 0.59
C PHE B 344 14.84 -1.05 0.17
N SER B 345 13.88 -1.83 -0.30
CA SER B 345 12.60 -1.26 -0.68
C SER B 345 11.50 -2.29 -0.86
N ILE B 346 10.29 -1.77 -0.96
CA ILE B 346 9.09 -2.57 -1.15
C ILE B 346 8.26 -1.92 -2.26
N TYR B 347 7.82 -2.75 -3.18
CA TYR B 347 6.99 -2.33 -4.29
C TYR B 347 5.73 -3.19 -4.30
N LYS B 348 4.61 -2.57 -4.62
CA LYS B 348 3.34 -3.28 -4.70
C LYS B 348 2.94 -3.42 -6.14
N LEU B 349 2.50 -4.61 -6.53
CA LEU B 349 1.93 -4.79 -7.86
C LEU B 349 0.49 -4.32 -7.84
N ASN B 350 0.30 -3.07 -8.27
CA ASN B 350 -0.99 -2.41 -8.20
C ASN B 350 -1.88 -2.75 -9.37
N THR B 351 -1.29 -3.30 -10.43
CA THR B 351 -2.05 -3.67 -11.61
C THR B 351 -2.62 -5.09 -11.53
N TYR B 352 -2.51 -5.76 -10.38
CA TYR B 352 -2.94 -7.14 -10.25
C TYR B 352 -3.27 -7.60 -8.83
N PHE B 353 -4.41 -8.30 -8.71
CA PHE B 353 -4.70 -9.12 -7.56
C PHE B 353 -5.44 -10.37 -7.98
N THR B 354 -5.76 -11.21 -7.02
CA THR B 354 -6.35 -12.53 -7.24
C THR B 354 -7.57 -12.69 -6.33
N LYS B 355 -8.40 -13.69 -6.59
CA LYS B 355 -9.44 -14.10 -5.64
C LYS B 355 -9.03 -15.31 -4.80
N SER B 356 -9.32 -15.25 -3.50
CA SER B 356 -8.83 -16.24 -2.53
C SER B 356 -9.34 -17.65 -2.85
N THR B 357 -10.64 -17.75 -3.16
CA THR B 357 -11.27 -19.01 -3.59
C THR B 357 -10.56 -19.67 -4.80
N VAL B 358 -10.12 -18.83 -5.73
CA VAL B 358 -9.38 -19.29 -6.93
C VAL B 358 -8.02 -19.93 -6.59
N ASP B 359 -7.58 -20.80 -7.50
CA ASP B 359 -6.26 -21.45 -7.43
C ASP B 359 -5.20 -20.60 -6.74
N LEU B 360 -4.70 -21.16 -5.65
CA LEU B 360 -3.42 -20.79 -5.08
C LEU B 360 -2.33 -21.53 -5.92
N ASN B 361 -2.79 -22.39 -6.84
CA ASN B 361 -1.92 -23.06 -7.81
C ASN B 361 -1.48 -22.14 -8.92
N HIS B 362 -0.64 -22.69 -9.80
CA HIS B 362 0.25 -21.92 -10.65
C HIS B 362 0.93 -20.83 -9.83
N LYS B 363 1.89 -21.23 -9.01
CA LYS B 363 2.75 -20.28 -8.29
C LYS B 363 3.42 -19.38 -9.32
N PRO B 364 3.34 -18.05 -9.15
CA PRO B 364 3.91 -17.14 -10.14
C PRO B 364 5.43 -17.17 -10.22
N GLN B 365 5.96 -16.56 -11.28
CA GLN B 365 7.37 -16.62 -11.58
C GLN B 365 7.92 -15.24 -11.75
N LEU B 366 9.07 -15.01 -11.16
CA LEU B 366 9.73 -13.72 -11.20
C LEU B 366 10.90 -13.83 -12.16
N PHE B 367 11.01 -12.87 -13.07
CA PHE B 367 12.12 -12.82 -14.02
C PHE B 367 12.80 -11.45 -13.98
N ILE B 368 14.13 -11.46 -13.87
CA ILE B 368 14.92 -10.25 -14.06
C ILE B 368 15.96 -10.56 -15.15
N PRO B 369 15.66 -10.26 -16.42
CA PRO B 369 16.56 -10.52 -17.55
C PRO B 369 17.97 -9.97 -17.36
N ASN B 370 18.08 -8.73 -16.90
CA ASN B 370 19.38 -8.11 -16.73
C ASN B 370 20.28 -8.89 -15.80
N ALA B 371 19.68 -9.58 -14.83
CA ALA B 371 20.45 -10.38 -13.87
C ALA B 371 21.09 -11.63 -14.48
N LEU B 372 20.88 -11.87 -15.77
CA LEU B 372 21.67 -12.86 -16.51
C LEU B 372 22.86 -12.18 -17.22
N ASP B 373 22.85 -10.86 -17.28
CA ASP B 373 23.82 -10.09 -18.05
C ASP B 373 25.08 -9.73 -17.25
N SER B 374 26.21 -9.71 -17.93
CA SER B 374 27.46 -9.27 -17.34
C SER B 374 27.44 -7.77 -17.12
N ILE B 375 26.81 -7.03 -18.02
CA ILE B 375 26.72 -5.57 -17.93
C ILE B 375 25.41 -5.14 -17.27
N VAL B 376 25.48 -4.32 -16.22
CA VAL B 376 24.28 -3.93 -15.47
C VAL B 376 23.58 -2.74 -16.09
N SER B 377 22.25 -2.82 -16.23
CA SER B 377 21.47 -1.73 -16.79
C SER B 377 21.07 -0.75 -15.71
N PRO B 378 21.12 0.56 -16.02
CA PRO B 378 20.66 1.59 -15.10
C PRO B 378 19.31 1.26 -14.45
N THR B 379 18.34 0.84 -15.26
CA THR B 379 17.05 0.40 -14.73
C THR B 379 16.79 -1.06 -15.04
N LEU B 380 16.21 -1.76 -14.08
CA LEU B 380 15.90 -3.15 -14.18
C LEU B 380 14.47 -3.33 -14.62
N SER B 381 14.26 -3.99 -15.74
CA SER B 381 12.95 -4.41 -16.12
C SER B 381 12.66 -5.70 -15.40
N VAL B 382 11.53 -5.73 -14.69
CA VAL B 382 11.10 -6.87 -13.90
C VAL B 382 9.80 -7.40 -14.46
N TYR B 383 9.64 -8.72 -14.43
CA TYR B 383 8.50 -9.38 -15.03
C TYR B 383 8.02 -10.41 -14.07
N VAL B 384 6.74 -10.34 -13.75
CA VAL B 384 6.08 -11.35 -12.97
C VAL B 384 5.03 -11.99 -13.86
N LEU B 385 5.06 -13.31 -13.91
CA LEU B 385 4.18 -14.07 -14.77
C LEU B 385 3.22 -14.87 -13.91
N PHE B 386 1.96 -14.49 -13.97
CA PHE B 386 0.91 -15.31 -13.41
C PHE B 386 0.33 -16.08 -14.59
N ASN B 387 -0.70 -16.90 -14.36
CA ASN B 387 -1.33 -17.58 -15.49
C ASN B 387 -2.28 -16.66 -16.27
N ASN B 388 -2.89 -15.73 -15.58
CA ASN B 388 -3.68 -14.68 -16.23
C ASN B 388 -2.86 -13.77 -17.11
N ALA B 389 -1.67 -13.40 -16.63
CA ALA B 389 -1.03 -12.20 -17.13
C ALA B 389 0.46 -12.13 -16.87
N VAL B 390 1.08 -11.14 -17.49
CA VAL B 390 2.44 -10.77 -17.20
C VAL B 390 2.39 -9.35 -16.72
N VAL B 391 2.89 -9.12 -15.52
CA VAL B 391 3.00 -7.79 -14.99
C VAL B 391 4.43 -7.34 -15.18
N MSE B 392 4.60 -6.10 -15.62
CA MSE B 392 5.90 -5.55 -15.91
C MSE B 392 6.11 -4.34 -15.10
O MSE B 392 5.20 -3.52 -14.98
CB MSE B 392 5.96 -5.11 -17.37
CG MSE B 392 5.86 -6.33 -18.26
SE MSE B 392 5.58 -5.78 -20.12
CE MSE B 392 3.81 -4.95 -19.87
N THR B 393 7.30 -4.19 -14.54
CA THR B 393 7.66 -2.95 -13.86
C THR B 393 9.15 -2.74 -13.94
N GLN B 394 9.58 -1.51 -13.70
CA GLN B 394 10.98 -1.17 -13.78
C GLN B 394 11.45 -0.45 -12.53
N ILE B 395 12.57 -0.89 -12.02
CA ILE B 395 13.17 -0.29 -10.84
C ILE B 395 14.63 -0.02 -11.15
N SER B 396 15.20 0.98 -10.48
CA SER B 396 16.61 1.28 -10.71
C SER B 396 17.46 0.13 -10.20
N SER B 397 18.64 -0.02 -10.79
CA SER B 397 19.60 -1.01 -10.33
C SER B 397 20.56 -0.41 -9.31
N LYS B 398 20.36 0.86 -8.94
CA LYS B 398 21.31 1.64 -8.16
C LYS B 398 20.89 1.63 -6.72
N LEU B 399 21.41 0.68 -5.96
CA LEU B 399 20.87 0.33 -4.65
C LEU B 399 21.63 1.07 -3.57
N ASP B 400 21.61 2.40 -3.67
CA ASP B 400 22.48 3.23 -2.86
C ASP B 400 21.78 4.25 -1.97
N SER B 401 20.44 4.23 -1.96
CA SER B 401 19.65 4.90 -0.90
C SER B 401 20.15 6.27 -0.35
N SER B 402 20.55 7.17 -1.27
CA SER B 402 20.74 8.59 -0.92
C SER B 402 19.55 9.35 -1.48
N PHE B 403 19.53 9.43 -2.81
CA PHE B 403 18.57 10.19 -3.57
C PHE B 403 17.82 9.18 -4.46
N PRO B 404 17.44 8.02 -3.89
CA PRO B 404 17.14 6.88 -4.76
C PRO B 404 16.04 7.21 -5.74
N LEU B 405 16.17 6.74 -6.97
CA LEU B 405 15.24 7.09 -8.03
C LEU B 405 14.12 6.10 -8.00
N ARG B 406 12.95 6.57 -7.59
CA ARG B 406 11.81 5.69 -7.27
C ARG B 406 11.09 5.17 -8.53
N ARG B 407 10.23 4.16 -8.35
CA ARG B 407 9.42 3.64 -9.46
C ARG B 407 8.62 4.73 -10.10
N LYS B 408 8.49 4.61 -11.42
CA LYS B 408 7.60 5.45 -12.20
C LYS B 408 6.58 4.64 -12.99
N TRP B 409 6.87 3.38 -13.31
CA TRP B 409 6.09 2.64 -14.30
C TRP B 409 5.68 1.24 -13.86
N GLU B 410 4.53 0.84 -14.36
CA GLU B 410 4.07 -0.50 -14.22
C GLU B 410 2.91 -0.67 -15.19
N ASP B 411 2.85 -1.81 -15.84
CA ASP B 411 1.73 -2.12 -16.73
C ASP B 411 1.53 -3.62 -16.76
N ILE B 412 0.40 -4.04 -17.29
CA ILE B 412 0.04 -5.44 -17.28
C ILE B 412 -0.38 -5.86 -18.68
N ILE B 413 -0.15 -7.14 -18.99
CA ILE B 413 -0.63 -7.75 -20.21
C ILE B 413 -1.49 -8.93 -19.80
N ARG B 414 -2.81 -8.71 -19.81
CA ARG B 414 -3.78 -9.76 -19.51
C ARG B 414 -3.99 -10.67 -20.70
N PHE B 415 -4.12 -11.95 -20.44
CA PHE B 415 -4.34 -12.91 -21.49
C PHE B 415 -5.82 -13.26 -21.60
N ASN B 416 -6.26 -13.35 -22.85
CA ASN B 416 -7.53 -13.95 -23.23
C ASN B 416 -7.68 -15.26 -22.45
N LYS B 417 -8.91 -15.61 -22.11
CA LYS B 417 -9.13 -16.75 -21.22
C LYS B 417 -8.77 -18.10 -21.85
N ASP B 418 -8.94 -18.21 -23.16
CA ASP B 418 -8.56 -19.43 -23.88
C ASP B 418 -7.04 -19.52 -24.13
N VAL B 419 -6.26 -18.66 -23.49
CA VAL B 419 -4.82 -18.78 -23.54
C VAL B 419 -4.36 -19.71 -22.41
N GLU B 420 -3.72 -20.81 -22.79
CA GLU B 420 -3.09 -21.71 -21.83
C GLU B 420 -1.58 -21.63 -22.03
N ILE B 421 -0.88 -21.15 -21.02
CA ILE B 421 0.56 -21.02 -21.10
C ILE B 421 1.17 -22.32 -20.66
N ILE B 422 1.96 -22.91 -21.53
CA ILE B 422 2.56 -24.18 -21.24
C ILE B 422 4.05 -24.08 -20.95
N GLY B 423 4.63 -22.90 -21.09
CA GLY B 423 6.06 -22.76 -20.84
C GLY B 423 6.56 -21.35 -20.73
N SER B 424 7.80 -21.20 -20.27
CA SER B 424 8.45 -19.91 -20.22
C SER B 424 9.96 -20.01 -20.11
N GLY B 425 10.60 -18.87 -20.29
CA GLY B 425 12.04 -18.72 -20.17
C GLY B 425 12.37 -17.25 -20.35
N TYR B 426 13.64 -16.88 -20.28
CA TYR B 426 14.05 -15.50 -20.48
C TYR B 426 15.53 -15.37 -20.79
N SER B 427 15.84 -14.50 -21.73
CA SER B 427 17.22 -14.16 -22.08
C SER B 427 17.58 -12.92 -21.26
N THR B 428 18.59 -12.17 -21.68
CA THR B 428 18.97 -10.93 -21.00
C THR B 428 18.11 -9.72 -21.42
N ASP B 429 17.41 -9.82 -22.54
CA ASP B 429 16.62 -8.68 -23.02
C ASP B 429 15.11 -8.89 -22.78
N SER B 430 14.64 -10.14 -22.84
CA SER B 430 13.21 -10.42 -22.97
C SER B 430 12.78 -11.58 -22.12
N ILE B 431 11.46 -11.77 -22.00
CA ILE B 431 10.89 -13.04 -21.53
C ILE B 431 10.07 -13.69 -22.64
N TYR B 432 9.88 -15.00 -22.49
CA TYR B 432 9.23 -15.82 -23.51
C TYR B 432 8.15 -16.66 -22.87
N VAL B 433 7.12 -16.96 -23.64
CA VAL B 433 5.97 -17.65 -23.12
C VAL B 433 5.39 -18.53 -24.21
N ILE B 434 5.20 -19.81 -23.94
CA ILE B 434 4.64 -20.74 -24.93
C ILE B 434 3.13 -20.86 -24.74
N CYS B 435 2.36 -20.64 -25.80
CA CYS B 435 0.90 -20.71 -25.72
C CYS B 435 0.38 -21.82 -26.63
N LYS B 436 -0.46 -22.69 -26.07
CA LYS B 436 -0.72 -23.99 -26.68
C LYS B 436 -1.12 -23.95 -28.15
N ASP B 437 -2.16 -23.20 -28.49
CA ASP B 437 -2.63 -23.14 -29.88
C ASP B 437 -2.16 -21.92 -30.65
N MSE B 438 -1.31 -21.11 -30.03
CA MSE B 438 -1.02 -19.80 -30.57
C MSE B 438 0.43 -19.67 -30.96
O MSE B 438 0.71 -19.47 -32.12
CB MSE B 438 -1.50 -18.79 -29.53
CG MSE B 438 -3.03 -18.72 -29.68
SE MSE B 438 -4.05 -17.77 -28.27
CE MSE B 438 -5.78 -18.74 -28.30
N GLY B 439 1.35 -19.83 -30.02
CA GLY B 439 2.78 -19.84 -30.34
C GLY B 439 3.63 -19.28 -29.22
N VAL B 440 4.91 -19.07 -29.50
CA VAL B 440 5.84 -18.46 -28.54
C VAL B 440 5.77 -16.94 -28.65
N LEU B 441 5.85 -16.26 -27.52
CA LEU B 441 5.84 -14.80 -27.50
C LEU B 441 7.07 -14.25 -26.83
N LYS B 442 7.70 -13.30 -27.50
CA LYS B 442 8.81 -12.55 -26.93
C LYS B 442 8.17 -11.29 -26.39
N ILE B 443 8.32 -11.08 -25.08
CA ILE B 443 7.77 -9.91 -24.40
C ILE B 443 8.93 -9.15 -23.80
N ALA B 444 8.90 -7.83 -23.90
CA ALA B 444 9.95 -6.99 -23.36
C ALA B 444 9.53 -5.54 -23.14
N SER B 445 10.05 -4.94 -22.07
CA SER B 445 9.78 -3.54 -21.74
C SER B 445 11.00 -2.65 -21.97
N HIS B 446 10.74 -1.37 -22.20
CA HIS B 446 11.74 -0.40 -22.65
C HIS B 446 11.92 0.72 -21.64
#